data_6RS0
#
_entry.id   6RS0
#
_cell.length_a   88.984
_cell.length_b   91.437
_cell.length_c   132.460
_cell.angle_alpha   90.000
_cell.angle_beta   90.000
_cell.angle_gamma   90.000
#
_symmetry.space_group_name_H-M   'P 21 21 21'
#
loop_
_entity.id
_entity.type
_entity.pdbx_description
1 polymer 'Alpha-mannosidase 2'
2 non-polymer 'ZINC ION'
3 non-polymer 1,2-ETHANEDIOL
4 non-polymer (2~{S},3~{S},4~{R})-2-(hydroxymethyl)-1-(2-phenylmethoxyethyl)piperidine-3,4,5-triol
5 water water
#
_entity_poly.entity_id   1
_entity_poly.type   'polypeptide(L)'
_entity_poly.pdbx_seq_one_letter_code
;DDPIRPPLKVARSPRPGQCQDVVQDVPNVDVQMLELYDRMSFKDIDGGVWKQGWNIKYDPLKYNAHHKLKVFVVPHSHND
PGWIQTFEEYYQHDTKHILSNALRHLHDNPEMKFIWAEISYFARFYHDLGENKKLQMKSIVKNGQLEFVTGGWVMPDEAN
SHWRNVLLQLTEGQTWLKQFMNVTPTASWAIDPFGHSPTMPYILQKSGFKNMLIQRTHYSVKKELAQQRQLEFLWRQIWD
NKGDTALFTHMMPFYSYDIPHTCGPDPKVCCQFDFKRMGSFGLSCPWKVPPRTISDQNVAARSDLLVDQWKKKAELYRTN
VLLIPLGDDFRFKQNTEWDVQRVNYERLFEHINSQAHFNVQAQFGTLQEYFDAVHQAERAGQAEFPTLSGDFFTYADRSD
NYWSGYYTSRPYHKRMDRVLMHYVRAAEMLSAWHSWDGMARIEERLEQARRELSLFQHHDGITGTAKTHVVVDYEQRMQE
ALKACQMVMQQSVYRLLTKPSIYSPDFSFSYFTLDDSRWPGSGVEDSRTTIILGEDILPSKHVVMHNTLPHWREQLVDFY
VSSPFVSVTDLANNPVEAQVSPVWSWHHDTLTKTIHPQGSTTKYRIIFKARVPPMGLATYVLTISDSKPEHTSYASNLLL
RKNPTSLPLGQYPEDVKFGDPREISLRVGNGPTLAFSEQGLLKSIQLTQDSPHVPVHFKFLKYGVRSHGDRSGAYLFLPN
GPASPVELGQPVVLVTKGKLESSVSVGLPSVVHQTIMRGGAPEIRNLVDIGSLDNTEIVMRLETHIDSGDIFYTDLNGLQ
FIKRRRLDKLPLQANYYPIPSGMFIEDANTRLTLLTGQPLGGSSLASGELEIMQDRRLASDDERGLGQGVLDNKPVLHIY
RLVLEKVNNCVRPSELHPAGYLTSAAHKASQSLLDPLDKFIFAENEWIGAQGQFGGDHPSAREDLDVSVMRRLTKSSAKT
QRVGYVLHRTNLMQCGTPEEHTQKLDVCHLLPNVARCERTTLTFLQNLEHLDGMVAPEVCPMETAAYVSSHSS
;
_entity_poly.pdbx_strand_id   A
#
# COMPACT_ATOMS: atom_id res chain seq x y z
N CYS A 19 27.66 -3.37 -6.38
CA CYS A 19 26.40 -2.57 -6.19
C CYS A 19 26.55 -1.20 -6.82
N GLN A 20 25.50 -0.71 -7.47
CA GLN A 20 25.39 0.69 -7.94
C GLN A 20 25.42 1.63 -6.74
N ASP A 21 26.05 2.80 -6.91
CA ASP A 21 25.87 3.96 -6.01
C ASP A 21 24.56 4.63 -6.42
N VAL A 22 23.64 4.80 -5.48
CA VAL A 22 22.26 5.29 -5.72
C VAL A 22 22.17 6.72 -5.19
N VAL A 23 23.32 7.31 -4.83
CA VAL A 23 23.38 8.65 -4.20
C VAL A 23 24.18 9.63 -5.07
N GLN A 24 25.37 9.24 -5.56
CA GLN A 24 26.36 10.17 -6.18
C GLN A 24 26.03 10.36 -7.66
N ASP A 25 25.61 9.29 -8.35
CA ASP A 25 25.33 9.23 -9.81
C ASP A 25 23.84 9.41 -10.08
N VAL A 26 23.49 10.32 -11.00
CA VAL A 26 22.11 10.56 -11.49
C VAL A 26 21.92 9.78 -12.79
N PRO A 27 20.92 8.86 -12.89
CA PRO A 27 20.62 8.19 -14.15
C PRO A 27 20.33 9.15 -15.33
N ASN A 28 20.74 8.74 -16.53
CA ASN A 28 20.46 9.49 -17.79
C ASN A 28 19.25 8.81 -18.42
N VAL A 29 18.11 9.49 -18.46
CA VAL A 29 16.85 8.98 -19.06
C VAL A 29 16.30 10.00 -20.04
N ASP A 30 15.54 9.54 -21.03
CA ASP A 30 14.91 10.41 -22.05
C ASP A 30 13.83 11.22 -21.39
N VAL A 31 13.06 10.59 -20.49
CA VAL A 31 11.91 11.27 -19.81
C VAL A 31 12.06 11.11 -18.29
N GLN A 32 12.27 12.22 -17.60
CA GLN A 32 12.34 12.25 -16.13
C GLN A 32 11.14 13.08 -15.68
N MET A 33 10.17 12.44 -15.03
CA MET A 33 8.83 13.03 -14.87
C MET A 33 8.87 14.34 -14.06
N LEU A 34 9.71 14.48 -13.04
CA LEU A 34 9.78 15.79 -12.31
C LEU A 34 10.25 16.88 -13.29
N GLU A 35 11.25 16.57 -14.09
CA GLU A 35 11.83 17.46 -15.14
C GLU A 35 10.75 17.77 -16.18
N LEU A 36 10.04 16.74 -16.68
CA LEU A 36 8.93 16.90 -17.64
C LEU A 36 7.88 17.81 -17.03
N TYR A 37 7.54 17.61 -15.76
CA TYR A 37 6.47 18.41 -15.09
C TYR A 37 6.88 19.89 -15.09
N ASP A 38 8.17 20.15 -14.88
CA ASP A 38 8.68 21.54 -14.72
C ASP A 38 8.45 22.26 -16.05
N ARG A 39 8.69 21.58 -17.16
CA ARG A 39 8.69 22.22 -18.50
C ARG A 39 7.36 22.02 -19.23
N MET A 40 6.36 21.34 -18.65
CA MET A 40 4.98 21.24 -19.23
C MET A 40 4.15 22.45 -18.79
N SER A 41 3.24 22.89 -19.66
CA SER A 41 2.37 24.06 -19.45
C SER A 41 1.04 23.58 -18.87
N PHE A 42 0.64 22.33 -19.16
CA PHE A 42 -0.60 21.74 -18.61
C PHE A 42 -1.84 22.50 -19.12
N LYS A 43 -1.75 23.19 -20.26
CA LYS A 43 -2.92 23.91 -20.86
C LYS A 43 -3.99 22.88 -21.25
N ASP A 44 -5.24 23.13 -20.86
CA ASP A 44 -6.41 22.27 -21.13
C ASP A 44 -7.12 22.78 -22.40
N ILE A 45 -6.42 22.69 -23.53
CA ILE A 45 -6.86 23.13 -24.89
C ILE A 45 -7.89 22.12 -25.43
N ASP A 46 -8.93 22.60 -26.11
CA ASP A 46 -9.90 21.74 -26.82
C ASP A 46 -9.19 21.22 -28.07
N GLY A 47 -8.98 19.91 -28.17
CA GLY A 47 -8.13 19.30 -29.23
C GLY A 47 -8.96 18.85 -30.41
N GLY A 48 -10.28 18.98 -30.32
CA GLY A 48 -11.24 18.46 -31.31
C GLY A 48 -11.89 17.17 -30.85
N VAL A 49 -12.11 16.23 -31.80
CA VAL A 49 -12.76 14.91 -31.52
C VAL A 49 -11.97 14.21 -30.38
N TRP A 50 -10.64 14.26 -30.44
CA TRP A 50 -9.74 13.92 -29.30
C TRP A 50 -9.59 15.20 -28.43
N LYS A 51 -10.51 15.34 -27.46
CA LYS A 51 -10.69 16.59 -26.66
C LYS A 51 -9.36 17.03 -26.02
N GLN A 52 -8.50 16.08 -25.59
CA GLN A 52 -7.30 16.42 -24.81
C GLN A 52 -6.04 16.17 -25.63
N GLY A 53 -6.16 15.97 -26.95
CA GLY A 53 -4.97 15.80 -27.81
C GLY A 53 -4.99 16.80 -28.95
N TRP A 54 -4.90 16.31 -30.20
CA TRP A 54 -4.91 17.10 -31.46
C TRP A 54 -5.53 16.26 -32.57
N ASN A 55 -5.74 16.87 -33.75
CA ASN A 55 -6.20 16.14 -34.96
C ASN A 55 -5.03 15.32 -35.51
N ILE A 56 -5.03 14.03 -35.26
CA ILE A 56 -3.92 13.15 -35.72
C ILE A 56 -3.99 13.05 -37.25
N LYS A 57 -2.83 13.18 -37.88
CA LYS A 57 -2.64 13.04 -39.33
C LYS A 57 -1.55 11.99 -39.53
N TYR A 58 -1.77 11.12 -40.51
CA TYR A 58 -0.79 10.14 -41.00
C TYR A 58 -0.68 10.28 -42.52
N ASP A 59 0.51 9.99 -43.03
CA ASP A 59 0.77 9.82 -44.48
C ASP A 59 0.28 8.44 -44.89
N PRO A 60 -0.81 8.33 -45.69
CA PRO A 60 -1.31 7.02 -46.13
C PRO A 60 -0.32 6.15 -46.92
N LEU A 61 0.72 6.74 -47.51
CA LEU A 61 1.79 6.04 -48.28
C LEU A 61 2.79 5.39 -47.33
N LYS A 62 2.69 5.68 -46.03
CA LYS A 62 3.37 4.97 -44.94
C LYS A 62 3.08 3.46 -45.06
N TYR A 63 1.85 3.08 -45.44
CA TYR A 63 1.42 1.66 -45.54
C TYR A 63 1.44 1.18 -46.99
N ASN A 64 1.86 -0.08 -47.17
CA ASN A 64 1.99 -0.79 -48.47
C ASN A 64 2.15 -2.28 -48.16
N ALA A 65 2.19 -3.16 -49.17
CA ALA A 65 2.10 -4.63 -48.99
C ALA A 65 3.28 -5.17 -48.15
N HIS A 66 4.41 -4.46 -48.12
CA HIS A 66 5.66 -4.86 -47.38
C HIS A 66 5.75 -4.15 -46.02
N HIS A 67 4.85 -3.20 -45.75
CA HIS A 67 4.77 -2.41 -44.48
C HIS A 67 3.31 -2.30 -44.05
N LYS A 68 2.70 -3.41 -43.64
CA LYS A 68 1.27 -3.46 -43.26
C LYS A 68 1.15 -3.03 -41.80
N LEU A 69 -0.02 -2.57 -41.40
CA LEU A 69 -0.37 -2.36 -39.98
C LEU A 69 -0.89 -3.69 -39.44
N LYS A 70 -0.28 -4.19 -38.36
CA LYS A 70 -0.70 -5.42 -37.65
C LYS A 70 -1.53 -5.01 -36.43
N VAL A 71 -2.79 -5.40 -36.42
CA VAL A 71 -3.78 -4.97 -35.40
C VAL A 71 -4.22 -6.19 -34.58
N PHE A 72 -3.95 -6.13 -33.27
CA PHE A 72 -4.50 -7.06 -32.26
C PHE A 72 -5.62 -6.39 -31.47
N VAL A 73 -6.82 -6.93 -31.62
CA VAL A 73 -8.05 -6.57 -30.90
C VAL A 73 -8.16 -7.56 -29.75
N VAL A 74 -8.06 -7.04 -28.54
CA VAL A 74 -7.89 -7.86 -27.31
C VAL A 74 -9.15 -7.69 -26.48
N PRO A 75 -10.08 -8.67 -26.51
CA PRO A 75 -11.27 -8.62 -25.67
C PRO A 75 -10.92 -8.77 -24.18
N HIS A 76 -11.67 -8.06 -23.33
CA HIS A 76 -11.39 -7.98 -21.87
C HIS A 76 -12.68 -7.54 -21.19
N SER A 77 -12.74 -7.72 -19.90
CA SER A 77 -13.89 -7.45 -19.02
C SER A 77 -13.28 -6.98 -17.69
N HIS A 78 -13.50 -5.70 -17.34
CA HIS A 78 -12.97 -5.12 -16.09
C HIS A 78 -13.90 -5.50 -14.96
N ASN A 79 -13.43 -6.37 -14.08
CA ASN A 79 -14.18 -6.90 -12.93
C ASN A 79 -13.58 -6.32 -11.64
N ASP A 80 -14.35 -5.51 -10.92
CA ASP A 80 -13.94 -4.97 -9.59
C ASP A 80 -14.33 -5.96 -8.49
N PRO A 81 -13.36 -6.49 -7.70
CA PRO A 81 -13.61 -7.26 -6.48
C PRO A 81 -14.15 -6.40 -5.33
N GLY A 82 -15.26 -5.73 -5.59
CA GLY A 82 -15.85 -4.76 -4.67
C GLY A 82 -15.79 -3.37 -5.25
N TRP A 83 -16.95 -2.71 -5.28
CA TRP A 83 -17.07 -1.28 -5.57
C TRP A 83 -18.49 -0.85 -5.20
N ILE A 84 -19.44 -0.94 -6.14
CA ILE A 84 -20.90 -0.65 -5.97
C ILE A 84 -21.54 -1.84 -5.25
N GLN A 85 -21.05 -3.05 -5.51
CA GLN A 85 -21.45 -4.31 -4.86
C GLN A 85 -20.22 -4.92 -4.21
N THR A 86 -20.42 -5.88 -3.30
CA THR A 86 -19.35 -6.68 -2.65
C THR A 86 -18.79 -7.66 -3.69
N PHE A 87 -17.66 -8.27 -3.34
CA PHE A 87 -17.04 -9.38 -4.09
C PHE A 87 -18.10 -10.45 -4.44
N GLU A 88 -18.80 -10.98 -3.44
CA GLU A 88 -19.76 -12.11 -3.59
C GLU A 88 -20.99 -11.63 -4.39
N GLU A 89 -21.48 -10.41 -4.17
CA GLU A 89 -22.64 -9.85 -4.91
C GLU A 89 -22.29 -9.74 -6.39
N TYR A 90 -21.15 -9.14 -6.74
CA TYR A 90 -20.68 -9.06 -8.15
C TYR A 90 -20.47 -10.47 -8.72
N TYR A 91 -19.90 -11.39 -7.94
CA TYR A 91 -19.64 -12.78 -8.39
C TYR A 91 -20.97 -13.40 -8.87
N GLN A 92 -22.02 -13.26 -8.06
CA GLN A 92 -23.30 -13.94 -8.32
C GLN A 92 -24.07 -13.19 -9.42
N HIS A 93 -24.02 -11.85 -9.45
CA HIS A 93 -24.78 -10.99 -10.38
C HIS A 93 -24.10 -10.95 -11.74
N ASP A 94 -22.75 -11.00 -11.80
CA ASP A 94 -22.00 -10.62 -13.03
C ASP A 94 -20.90 -11.62 -13.34
N THR A 95 -19.91 -11.78 -12.47
CA THR A 95 -18.60 -12.36 -12.87
C THR A 95 -18.74 -13.85 -13.20
N LYS A 96 -19.56 -14.61 -12.48
CA LYS A 96 -19.62 -16.08 -12.71
C LYS A 96 -20.23 -16.33 -14.11
N HIS A 97 -21.13 -15.46 -14.54
CA HIS A 97 -21.75 -15.51 -15.90
C HIS A 97 -20.70 -15.14 -16.95
N ILE A 98 -19.87 -14.12 -16.67
CA ILE A 98 -18.80 -13.71 -17.62
C ILE A 98 -17.87 -14.90 -17.81
N LEU A 99 -17.46 -15.58 -16.75
CA LEU A 99 -16.44 -16.65 -16.88
C LEU A 99 -17.07 -17.95 -17.45
N SER A 100 -18.34 -18.24 -17.14
CA SER A 100 -19.08 -19.38 -17.74
C SER A 100 -19.13 -19.17 -19.27
N ASN A 101 -19.51 -17.97 -19.68
CA ASN A 101 -19.66 -17.59 -21.11
C ASN A 101 -18.28 -17.57 -21.78
N ALA A 102 -17.25 -17.08 -21.11
CA ALA A 102 -15.89 -17.16 -21.68
C ALA A 102 -15.52 -18.63 -21.93
N LEU A 103 -15.80 -19.52 -20.97
CA LEU A 103 -15.38 -20.94 -21.13
C LEU A 103 -16.12 -21.50 -22.36
N ARG A 104 -17.42 -21.31 -22.39
CA ARG A 104 -18.32 -21.80 -23.48
C ARG A 104 -17.90 -21.19 -24.83
N HIS A 105 -17.84 -19.86 -24.93
CA HIS A 105 -17.65 -19.18 -26.25
CA HIS A 105 -17.64 -19.18 -26.25
C HIS A 105 -16.23 -19.46 -26.76
N LEU A 106 -15.19 -19.39 -25.91
CA LEU A 106 -13.80 -19.67 -26.36
C LEU A 106 -13.62 -21.14 -26.81
N HIS A 107 -14.16 -22.10 -26.06
CA HIS A 107 -14.12 -23.55 -26.41
C HIS A 107 -14.73 -23.68 -27.81
N ASP A 108 -15.92 -23.10 -28.02
CA ASP A 108 -16.73 -23.22 -29.27
C ASP A 108 -16.07 -22.46 -30.43
N ASN A 109 -15.21 -21.47 -30.19
CA ASN A 109 -14.71 -20.52 -31.22
C ASN A 109 -13.20 -20.38 -31.13
N PRO A 110 -12.42 -21.28 -31.77
CA PRO A 110 -10.97 -21.42 -31.51
C PRO A 110 -10.14 -20.16 -31.78
N GLU A 111 -10.69 -19.21 -32.54
CA GLU A 111 -10.02 -17.97 -33.02
C GLU A 111 -10.31 -16.81 -32.03
N MET A 112 -11.36 -16.93 -31.22
CA MET A 112 -11.75 -15.93 -30.19
C MET A 112 -10.74 -15.94 -29.03
N LYS A 113 -10.39 -14.75 -28.53
CA LYS A 113 -9.38 -14.52 -27.47
C LYS A 113 -10.03 -13.70 -26.34
N PHE A 114 -9.41 -13.75 -25.15
CA PHE A 114 -9.92 -13.07 -23.93
C PHE A 114 -8.78 -13.01 -22.93
N ILE A 115 -8.62 -11.86 -22.27
CA ILE A 115 -7.62 -11.68 -21.18
C ILE A 115 -8.36 -11.53 -19.85
N TRP A 116 -7.75 -12.03 -18.79
CA TRP A 116 -8.32 -12.03 -17.42
C TRP A 116 -7.25 -11.58 -16.42
N ALA A 117 -7.61 -10.62 -15.57
CA ALA A 117 -6.67 -10.03 -14.58
C ALA A 117 -6.95 -10.54 -13.15
N GLU A 118 -8.19 -10.57 -12.66
CA GLU A 118 -8.43 -10.71 -11.20
C GLU A 118 -8.53 -12.18 -10.77
N ILE A 119 -7.45 -12.71 -10.20
CA ILE A 119 -7.40 -14.17 -9.87
C ILE A 119 -8.32 -14.48 -8.67
N SER A 120 -8.66 -13.50 -7.84
CA SER A 120 -9.66 -13.70 -6.75
C SER A 120 -11.00 -14.20 -7.35
N TYR A 121 -11.48 -13.58 -8.42
CA TYR A 121 -12.72 -14.02 -9.12
C TYR A 121 -12.51 -15.34 -9.85
N PHE A 122 -11.34 -15.51 -10.48
CA PHE A 122 -11.08 -16.72 -11.28
C PHE A 122 -10.95 -17.97 -10.39
N ALA A 123 -10.26 -17.87 -9.25
CA ALA A 123 -10.22 -18.95 -8.24
C ALA A 123 -11.63 -19.22 -7.68
N ARG A 124 -12.40 -18.19 -7.32
CA ARG A 124 -13.79 -18.36 -6.81
C ARG A 124 -14.59 -19.24 -7.80
N PHE A 125 -14.52 -18.90 -9.10
CA PHE A 125 -15.24 -19.60 -10.20
C PHE A 125 -14.70 -21.01 -10.42
N TYR A 126 -13.40 -21.14 -10.64
CA TYR A 126 -12.76 -22.41 -11.05
C TYR A 126 -13.02 -23.54 -10.04
N HIS A 127 -13.00 -23.26 -8.73
CA HIS A 127 -13.10 -24.31 -7.71
C HIS A 127 -14.54 -24.85 -7.72
N ASP A 128 -15.49 -24.09 -8.25
CA ASP A 128 -16.92 -24.49 -8.34
C ASP A 128 -17.21 -25.29 -9.61
N LEU A 129 -16.28 -25.44 -10.56
CA LEU A 129 -16.49 -26.18 -11.83
C LEU A 129 -16.41 -27.69 -11.59
N GLY A 130 -17.12 -28.49 -12.40
CA GLY A 130 -16.94 -29.95 -12.50
C GLY A 130 -15.62 -30.23 -13.18
N GLU A 131 -15.07 -31.44 -13.01
CA GLU A 131 -13.76 -31.84 -13.58
C GLU A 131 -13.73 -31.62 -15.09
N ASN A 132 -14.85 -31.91 -15.77
CA ASN A 132 -15.01 -31.77 -17.24
C ASN A 132 -14.75 -30.30 -17.63
N LYS A 133 -15.47 -29.37 -17.02
CA LYS A 133 -15.30 -27.91 -17.25
C LYS A 133 -13.90 -27.44 -16.85
N LYS A 134 -13.34 -27.97 -15.76
CA LYS A 134 -11.98 -27.60 -15.31
C LYS A 134 -11.01 -27.96 -16.43
N LEU A 135 -11.16 -29.16 -17.00
CA LEU A 135 -10.24 -29.61 -18.07
C LEU A 135 -10.48 -28.78 -19.35
N GLN A 136 -11.73 -28.47 -19.66
CA GLN A 136 -12.11 -27.56 -20.80
C GLN A 136 -11.43 -26.19 -20.59
N MET A 137 -11.53 -25.66 -19.36
CA MET A 137 -10.88 -24.38 -18.96
C MET A 137 -9.38 -24.49 -19.19
N LYS A 138 -8.76 -25.57 -18.70
CA LYS A 138 -7.30 -25.79 -18.87
C LYS A 138 -6.92 -25.79 -20.35
N SER A 139 -7.79 -26.34 -21.22
N SER A 139 -7.77 -26.35 -21.22
CA SER A 139 -7.54 -26.48 -22.69
CA SER A 139 -7.48 -26.46 -22.67
C SER A 139 -7.45 -25.09 -23.36
C SER A 139 -7.39 -25.06 -23.30
N ILE A 140 -8.34 -24.17 -22.98
CA ILE A 140 -8.36 -22.79 -23.56
C ILE A 140 -7.27 -21.93 -22.96
N VAL A 141 -6.71 -22.27 -21.79
CA VAL A 141 -5.50 -21.58 -21.28
C VAL A 141 -4.27 -22.14 -22.00
N LYS A 142 -4.18 -23.46 -22.15
CA LYS A 142 -3.01 -24.14 -22.74
C LYS A 142 -2.79 -23.67 -24.18
N ASN A 143 -3.86 -23.50 -24.96
CA ASN A 143 -3.74 -23.13 -26.40
C ASN A 143 -3.75 -21.59 -26.55
N GLY A 144 -3.70 -20.81 -25.46
CA GLY A 144 -3.50 -19.34 -25.53
C GLY A 144 -4.76 -18.55 -25.89
N GLN A 145 -5.95 -19.14 -25.83
CA GLN A 145 -7.22 -18.41 -26.07
C GLN A 145 -7.58 -17.53 -24.85
N LEU A 146 -7.56 -18.09 -23.64
CA LEU A 146 -7.71 -17.32 -22.39
C LEU A 146 -6.32 -17.09 -21.81
N GLU A 147 -5.94 -15.81 -21.70
CA GLU A 147 -4.60 -15.42 -21.22
C GLU A 147 -4.78 -14.61 -19.94
N PHE A 148 -4.06 -14.98 -18.90
CA PHE A 148 -4.03 -14.21 -17.63
C PHE A 148 -3.03 -13.07 -17.80
N VAL A 149 -3.46 -11.90 -17.36
CA VAL A 149 -2.58 -10.70 -17.40
C VAL A 149 -2.37 -10.26 -15.95
N THR A 150 -1.12 -9.98 -15.60
CA THR A 150 -0.64 -9.75 -14.20
C THR A 150 -0.80 -11.05 -13.39
N GLY A 151 -2.03 -11.51 -13.17
CA GLY A 151 -2.34 -12.71 -12.37
C GLY A 151 -2.22 -12.41 -10.89
N GLY A 152 -2.42 -11.14 -10.49
CA GLY A 152 -2.59 -10.76 -9.08
C GLY A 152 -3.96 -11.18 -8.59
N TRP A 153 -4.10 -11.37 -7.28
CA TRP A 153 -5.41 -11.57 -6.65
C TRP A 153 -6.39 -10.47 -7.11
N VAL A 154 -5.87 -9.25 -7.14
CA VAL A 154 -6.60 -8.03 -7.57
C VAL A 154 -5.74 -7.24 -8.58
N MET A 155 -6.31 -6.16 -9.10
CA MET A 155 -5.57 -5.08 -9.81
C MET A 155 -5.40 -4.00 -8.74
N PRO A 156 -4.27 -3.94 -8.02
CA PRO A 156 -4.21 -3.08 -6.84
C PRO A 156 -4.17 -1.57 -7.10
N ASP A 157 -4.67 -0.81 -6.12
CA ASP A 157 -4.28 0.62 -5.93
C ASP A 157 -2.75 0.73 -5.94
N GLU A 158 -2.22 1.79 -6.50
CA GLU A 158 -0.75 2.00 -6.60
C GLU A 158 -0.34 3.21 -5.77
N ALA A 159 -1.31 3.93 -5.16
CA ALA A 159 -1.00 5.16 -4.39
C ALA A 159 -0.82 4.84 -2.90
N ASN A 160 -1.79 4.17 -2.29
CA ASN A 160 -1.92 3.96 -0.82
C ASN A 160 -1.24 2.63 -0.43
N SER A 161 -1.13 1.71 -1.38
CA SER A 161 -0.71 0.33 -1.12
C SER A 161 0.75 0.32 -0.67
N HIS A 162 1.04 -0.50 0.33
CA HIS A 162 2.43 -0.83 0.72
C HIS A 162 2.98 -1.85 -0.28
N TRP A 163 4.22 -1.66 -0.71
CA TRP A 163 4.89 -2.60 -1.65
C TRP A 163 4.79 -4.04 -1.13
N ARG A 164 4.91 -4.27 0.16
CA ARG A 164 4.77 -5.63 0.77
C ARG A 164 3.41 -6.21 0.40
N ASN A 165 2.33 -5.42 0.50
CA ASN A 165 0.98 -5.94 0.17
C ASN A 165 0.80 -6.07 -1.34
N VAL A 166 1.44 -5.23 -2.16
CA VAL A 166 1.41 -5.38 -3.64
C VAL A 166 2.04 -6.73 -3.95
N LEU A 167 3.20 -7.01 -3.36
CA LEU A 167 3.88 -8.33 -3.60
C LEU A 167 3.00 -9.46 -3.03
N LEU A 168 2.39 -9.25 -1.87
CA LEU A 168 1.54 -10.33 -1.29
C LEU A 168 0.43 -10.70 -2.27
N GLN A 169 -0.36 -9.73 -2.75
CA GLN A 169 -1.54 -10.02 -3.61
C GLN A 169 -1.05 -10.57 -4.96
N LEU A 170 0.09 -10.12 -5.47
CA LEU A 170 0.66 -10.73 -6.69
C LEU A 170 0.97 -12.20 -6.44
N THR A 171 1.66 -12.47 -5.33
CA THR A 171 2.11 -13.83 -4.96
C THR A 171 0.89 -14.72 -4.84
N GLU A 172 -0.19 -14.24 -4.22
CA GLU A 172 -1.37 -15.07 -3.95
C GLU A 172 -2.03 -15.47 -5.27
N GLY A 173 -2.15 -14.51 -6.21
CA GLY A 173 -2.70 -14.75 -7.55
C GLY A 173 -1.80 -15.66 -8.38
N GLN A 174 -0.51 -15.39 -8.41
CA GLN A 174 0.39 -16.17 -9.29
C GLN A 174 0.62 -17.58 -8.73
N THR A 175 0.65 -17.73 -7.41
CA THR A 175 0.77 -19.06 -6.76
C THR A 175 -0.47 -19.88 -7.12
N TRP A 176 -1.68 -19.31 -6.99
CA TRP A 176 -2.89 -19.97 -7.50
C TRP A 176 -2.74 -20.38 -8.99
N LEU A 177 -2.28 -19.48 -9.86
CA LEU A 177 -2.20 -19.77 -11.32
C LEU A 177 -1.19 -20.91 -11.54
N LYS A 178 -0.03 -20.86 -10.90
CA LYS A 178 1.05 -21.87 -11.08
C LYS A 178 0.48 -23.22 -10.61
N GLN A 179 -0.16 -23.24 -9.45
CA GLN A 179 -0.65 -24.48 -8.78
C GLN A 179 -1.72 -25.15 -9.65
N PHE A 180 -2.70 -24.38 -10.14
CA PHE A 180 -3.94 -24.89 -10.74
C PHE A 180 -3.97 -24.75 -12.27
N MET A 181 -3.17 -23.87 -12.88
CA MET A 181 -3.21 -23.65 -14.35
C MET A 181 -1.82 -23.86 -14.95
N ASN A 182 -0.80 -24.11 -14.14
CA ASN A 182 0.62 -24.22 -14.59
C ASN A 182 0.96 -23.06 -15.56
N VAL A 183 0.54 -21.83 -15.26
CA VAL A 183 0.99 -20.61 -16.02
C VAL A 183 1.40 -19.51 -15.04
N THR A 184 2.39 -18.72 -15.47
CA THR A 184 2.90 -17.51 -14.79
C THR A 184 2.91 -16.36 -15.81
N PRO A 185 1.94 -15.42 -15.76
CA PRO A 185 1.93 -14.27 -16.65
C PRO A 185 3.23 -13.46 -16.56
N THR A 186 3.71 -12.95 -17.70
CA THR A 186 4.88 -12.05 -17.78
C THR A 186 4.47 -10.70 -18.37
N ALA A 187 3.17 -10.49 -18.62
CA ALA A 187 2.62 -9.18 -19.05
C ALA A 187 1.61 -8.68 -18.01
N SER A 188 1.77 -7.43 -17.58
CA SER A 188 0.87 -6.81 -16.58
C SER A 188 -0.15 -5.91 -17.29
N TRP A 189 -1.35 -5.85 -16.73
CA TRP A 189 -2.50 -5.05 -17.21
C TRP A 189 -3.08 -4.29 -16.02
N ALA A 190 -2.93 -2.97 -16.03
CA ALA A 190 -3.40 -2.09 -14.95
C ALA A 190 -4.14 -0.93 -15.60
N ILE A 191 -5.43 -1.15 -15.90
CA ILE A 191 -6.23 -0.20 -16.72
C ILE A 191 -6.95 0.80 -15.80
N ASP A 192 -7.13 0.52 -14.51
CA ASP A 192 -8.06 1.33 -13.67
C ASP A 192 -7.44 2.00 -12.45
N PRO A 193 -6.24 1.66 -11.90
CA PRO A 193 -5.72 2.38 -10.72
C PRO A 193 -5.57 3.88 -11.01
N PHE A 194 -5.74 4.73 -9.99
CA PHE A 194 -5.98 6.18 -10.21
C PHE A 194 -4.63 6.87 -10.17
N GLY A 195 -3.86 6.68 -11.24
CA GLY A 195 -2.44 7.04 -11.28
C GLY A 195 -1.56 5.84 -11.05
N HIS A 196 -0.28 5.95 -11.36
CA HIS A 196 0.61 4.77 -11.43
C HIS A 196 1.94 5.07 -10.75
N SER A 197 2.47 4.02 -10.13
CA SER A 197 3.66 3.99 -9.27
C SER A 197 4.76 3.18 -9.93
N PRO A 198 6.02 3.63 -9.87
CA PRO A 198 7.16 2.82 -10.36
C PRO A 198 7.45 1.64 -9.41
N THR A 199 6.76 1.55 -8.27
CA THR A 199 6.81 0.34 -7.40
C THR A 199 6.35 -0.88 -8.20
N MET A 200 5.37 -0.72 -9.09
CA MET A 200 4.79 -1.83 -9.90
C MET A 200 5.87 -2.41 -10.80
N PRO A 201 6.55 -1.69 -11.72
CA PRO A 201 7.63 -2.30 -12.50
C PRO A 201 8.78 -2.86 -11.63
N TYR A 202 9.11 -2.18 -10.53
CA TYR A 202 10.15 -2.65 -9.58
C TYR A 202 9.85 -4.09 -9.17
N ILE A 203 8.62 -4.35 -8.72
CA ILE A 203 8.21 -5.69 -8.21
C ILE A 203 8.02 -6.64 -9.39
N LEU A 204 7.32 -6.17 -10.41
CA LEU A 204 7.04 -6.99 -11.61
C LEU A 204 8.37 -7.47 -12.23
N GLN A 205 9.35 -6.60 -12.38
CA GLN A 205 10.61 -6.98 -13.10
C GLN A 205 11.41 -7.97 -12.24
N LYS A 206 11.24 -7.93 -10.91
CA LYS A 206 11.88 -8.92 -9.99
C LYS A 206 10.96 -10.13 -9.82
N SER A 207 9.83 -10.21 -10.53
CA SER A 207 8.90 -11.36 -10.48
C SER A 207 8.76 -11.98 -11.88
N GLY A 208 9.77 -11.79 -12.73
CA GLY A 208 9.84 -12.48 -14.04
C GLY A 208 9.13 -11.74 -15.16
N PHE A 209 8.54 -10.56 -14.91
CA PHE A 209 7.73 -9.86 -15.95
C PHE A 209 8.64 -9.29 -17.03
N LYS A 210 8.11 -9.19 -18.25
CA LYS A 210 8.80 -8.60 -19.42
C LYS A 210 8.07 -7.34 -19.89
N ASN A 211 6.77 -7.19 -19.60
CA ASN A 211 5.99 -6.03 -20.11
C ASN A 211 4.88 -5.66 -19.13
N MET A 212 4.47 -4.38 -19.17
CA MET A 212 3.30 -3.91 -18.39
C MET A 212 2.58 -2.82 -19.19
N LEU A 213 1.30 -2.66 -18.88
CA LEU A 213 0.40 -1.69 -19.53
C LEU A 213 -0.26 -0.87 -18.43
N ILE A 214 -0.35 0.44 -18.64
CA ILE A 214 -1.00 1.41 -17.73
C ILE A 214 -1.94 2.31 -18.54
N GLN A 215 -2.90 2.95 -17.86
CA GLN A 215 -3.97 3.74 -18.53
C GLN A 215 -4.15 5.10 -17.84
N ARG A 216 -4.34 5.14 -16.52
CA ARG A 216 -4.82 6.38 -15.84
C ARG A 216 -3.64 7.28 -15.50
N THR A 217 -3.21 8.07 -16.48
CA THR A 217 -2.16 9.11 -16.33
C THR A 217 -2.78 10.44 -16.78
N HIS A 218 -2.24 11.54 -16.26
CA HIS A 218 -2.81 12.89 -16.48
C HIS A 218 -2.99 13.11 -17.99
N TYR A 219 -4.12 13.64 -18.43
CA TYR A 219 -4.42 13.97 -19.85
C TYR A 219 -3.28 14.83 -20.44
N SER A 220 -2.65 15.76 -19.71
CA SER A 220 -1.52 16.55 -20.26
C SER A 220 -0.29 15.67 -20.45
N VAL A 221 -0.08 14.67 -19.60
CA VAL A 221 1.07 13.74 -19.76
C VAL A 221 0.85 12.89 -21.01
N LYS A 222 -0.35 12.34 -21.19
CA LYS A 222 -0.74 11.59 -22.43
C LYS A 222 -0.40 12.42 -23.66
N LYS A 223 -0.82 13.69 -23.70
CA LYS A 223 -0.64 14.56 -24.91
C LYS A 223 0.85 14.72 -25.16
N GLU A 224 1.57 15.03 -24.09
CA GLU A 224 3.01 15.37 -24.14
C GLU A 224 3.79 14.16 -24.65
N LEU A 225 3.57 12.99 -24.05
CA LEU A 225 4.26 11.76 -24.49
C LEU A 225 3.79 11.37 -25.89
N ALA A 226 2.47 11.44 -26.16
CA ALA A 226 1.90 11.09 -27.49
C ALA A 226 2.61 11.92 -28.58
N GLN A 227 2.85 13.19 -28.33
CA GLN A 227 3.44 14.12 -29.33
C GLN A 227 4.83 13.62 -29.72
N GLN A 228 5.57 12.97 -28.81
CA GLN A 228 6.94 12.46 -29.05
C GLN A 228 6.96 10.95 -29.27
N ARG A 229 5.79 10.30 -29.40
CA ARG A 229 5.73 8.82 -29.43
C ARG A 229 6.62 8.30 -28.30
N GLN A 230 6.38 8.80 -27.08
CA GLN A 230 7.00 8.24 -25.84
C GLN A 230 5.92 7.56 -24.97
N LEU A 231 4.92 6.95 -25.57
CA LEU A 231 3.86 6.22 -24.80
C LEU A 231 4.31 4.79 -24.51
N GLU A 232 5.29 4.29 -25.26
CA GLU A 232 6.01 3.05 -24.87
C GLU A 232 7.43 3.42 -24.44
N PHE A 233 7.84 2.91 -23.28
CA PHE A 233 9.12 3.36 -22.67
C PHE A 233 9.64 2.26 -21.76
N LEU A 234 10.95 2.30 -21.55
CA LEU A 234 11.62 1.40 -20.61
C LEU A 234 11.63 2.11 -19.28
N TRP A 235 10.69 1.71 -18.41
CA TRP A 235 10.45 2.36 -17.10
C TRP A 235 11.49 1.80 -16.12
N ARG A 236 12.45 2.63 -15.72
CA ARG A 236 13.43 2.25 -14.68
C ARG A 236 13.15 3.06 -13.40
N GLN A 237 13.70 2.56 -12.30
CA GLN A 237 13.67 3.24 -10.99
C GLN A 237 14.49 4.55 -11.07
N ILE A 238 14.02 5.57 -10.35
CA ILE A 238 14.61 6.95 -10.31
C ILE A 238 16.09 6.95 -9.90
N TRP A 239 16.61 5.90 -9.25
CA TRP A 239 18.02 5.79 -8.77
C TRP A 239 18.85 4.87 -9.67
N ASP A 240 18.24 4.23 -10.68
CA ASP A 240 18.87 3.11 -11.42
C ASP A 240 19.72 3.64 -12.60
N ASN A 241 21.04 3.80 -12.38
CA ASN A 241 22.04 4.33 -13.36
C ASN A 241 22.21 3.35 -14.53
N LYS A 242 22.25 2.05 -14.22
CA LYS A 242 22.58 0.92 -15.13
C LYS A 242 21.38 0.57 -16.02
N GLY A 243 20.17 0.55 -15.47
CA GLY A 243 18.95 0.19 -16.22
C GLY A 243 18.50 -1.24 -15.99
N ASP A 244 19.09 -1.95 -15.02
CA ASP A 244 18.73 -3.37 -14.73
C ASP A 244 17.29 -3.50 -14.19
N THR A 245 16.71 -2.42 -13.65
CA THR A 245 15.29 -2.44 -13.14
C THR A 245 14.29 -2.19 -14.27
N ALA A 246 14.75 -1.77 -15.46
CA ALA A 246 13.91 -1.30 -16.60
C ALA A 246 12.84 -2.34 -16.97
N LEU A 247 11.59 -1.91 -17.13
CA LEU A 247 10.50 -2.78 -17.62
C LEU A 247 9.78 -2.07 -18.77
N PHE A 248 9.52 -2.80 -19.84
CA PHE A 248 8.83 -2.20 -21.01
C PHE A 248 7.39 -1.88 -20.60
N THR A 249 6.99 -0.65 -20.82
CA THR A 249 5.66 -0.12 -20.40
C THR A 249 4.98 0.46 -21.62
N HIS A 250 3.70 0.12 -21.79
CA HIS A 250 2.74 0.70 -22.72
C HIS A 250 1.76 1.53 -21.91
N MET A 251 1.80 2.84 -22.12
CA MET A 251 0.77 3.79 -21.67
C MET A 251 -0.29 3.92 -22.77
N MET A 252 -1.56 3.63 -22.45
CA MET A 252 -2.64 3.86 -23.43
C MET A 252 -2.85 5.36 -23.56
N PRO A 253 -3.25 5.85 -24.74
CA PRO A 253 -3.18 7.27 -25.08
C PRO A 253 -4.42 8.12 -24.73
N PHE A 254 -5.57 7.48 -24.47
CA PHE A 254 -6.89 8.20 -24.46
C PHE A 254 -7.51 8.21 -23.05
N TYR A 255 -8.72 8.76 -22.96
CA TYR A 255 -9.39 9.16 -21.68
C TYR A 255 -9.84 7.93 -20.89
N SER A 256 -10.22 6.84 -21.57
CA SER A 256 -10.75 5.62 -20.94
C SER A 256 -10.15 4.34 -21.57
N TYR A 257 -10.33 3.21 -20.89
CA TYR A 257 -10.08 1.85 -21.44
C TYR A 257 -11.33 1.36 -22.17
N ASP A 258 -12.46 2.10 -22.14
CA ASP A 258 -13.72 1.64 -22.78
C ASP A 258 -13.58 1.63 -24.31
N ILE A 259 -14.55 1.06 -25.02
CA ILE A 259 -14.42 0.87 -26.49
C ILE A 259 -14.38 2.21 -27.21
N PRO A 260 -15.19 3.22 -26.85
CA PRO A 260 -15.12 4.53 -27.51
C PRO A 260 -13.75 5.19 -27.44
N HIS A 261 -12.99 4.89 -26.38
CA HIS A 261 -11.66 5.49 -26.16
C HIS A 261 -10.52 4.49 -26.44
N THR A 262 -10.76 3.36 -27.12
CA THR A 262 -9.64 2.42 -27.42
C THR A 262 -9.46 2.12 -28.92
N CYS A 263 -10.41 2.41 -29.81
CA CYS A 263 -10.28 2.11 -31.27
C CYS A 263 -9.37 3.17 -31.94
N GLY A 264 -9.30 4.38 -31.38
CA GLY A 264 -8.75 5.54 -32.08
C GLY A 264 -9.18 6.84 -31.42
N PRO A 265 -8.76 8.00 -31.98
CA PRO A 265 -8.91 9.30 -31.30
C PRO A 265 -10.33 9.89 -31.17
N ASP A 266 -11.26 9.40 -31.98
CA ASP A 266 -12.63 9.97 -32.07
C ASP A 266 -13.63 9.01 -31.48
N PRO A 267 -14.11 9.26 -30.25
CA PRO A 267 -15.01 8.35 -29.57
C PRO A 267 -16.35 8.20 -30.28
N LYS A 268 -16.76 9.21 -31.05
CA LYS A 268 -18.04 9.18 -31.80
C LYS A 268 -17.97 8.09 -32.88
N VAL A 269 -16.82 7.91 -33.50
CA VAL A 269 -16.58 6.75 -34.42
C VAL A 269 -16.41 5.43 -33.62
N CYS A 270 -15.55 5.38 -32.58
CA CYS A 270 -15.20 4.12 -31.87
C CYS A 270 -16.42 3.53 -31.19
N CYS A 271 -17.29 4.39 -30.69
CA CYS A 271 -18.53 3.94 -30.04
C CYS A 271 -19.38 3.10 -31.00
N GLN A 272 -19.30 3.35 -32.31
CA GLN A 272 -20.07 2.61 -33.36
C GLN A 272 -19.55 1.18 -33.53
N PHE A 273 -18.38 0.85 -32.94
CA PHE A 273 -17.74 -0.48 -33.03
C PHE A 273 -17.75 -1.15 -31.65
N ASP A 274 -18.64 -0.68 -30.78
CA ASP A 274 -19.03 -1.37 -29.54
C ASP A 274 -20.42 -1.97 -29.77
N PHE A 275 -20.47 -3.23 -30.17
CA PHE A 275 -21.68 -3.84 -30.76
C PHE A 275 -22.70 -4.19 -29.68
N LYS A 276 -22.32 -4.04 -28.41
CA LYS A 276 -23.29 -4.23 -27.30
C LYS A 276 -24.18 -3.01 -27.21
N ARG A 277 -23.82 -1.89 -27.84
CA ARG A 277 -24.59 -0.63 -27.68
C ARG A 277 -25.80 -0.61 -28.64
N MET A 278 -26.29 -1.77 -29.10
CA MET A 278 -27.55 -1.96 -29.89
C MET A 278 -28.57 -2.72 -29.03
N GLY A 282 -29.53 -2.31 -23.29
CA GLY A 282 -30.14 -0.97 -23.19
C GLY A 282 -29.08 0.11 -23.04
N LEU A 283 -27.96 -0.02 -23.77
CA LEU A 283 -26.83 0.95 -23.79
C LEU A 283 -26.79 1.63 -25.17
N SER A 284 -26.28 2.84 -25.22
CA SER A 284 -26.28 3.69 -26.43
C SER A 284 -25.00 4.50 -26.47
N CYS A 285 -24.81 5.28 -27.51
CA CYS A 285 -23.61 6.11 -27.72
C CYS A 285 -23.93 7.55 -27.34
N PRO A 286 -23.28 8.12 -26.30
CA PRO A 286 -23.46 9.52 -25.95
C PRO A 286 -23.30 10.51 -27.11
N TRP A 287 -22.57 10.13 -28.17
CA TRP A 287 -22.29 10.97 -29.37
C TRP A 287 -23.42 10.80 -30.42
N LYS A 288 -24.43 9.96 -30.12
CA LYS A 288 -25.75 9.84 -30.80
C LYS A 288 -25.61 9.28 -32.23
N VAL A 289 -24.63 8.44 -32.48
CA VAL A 289 -24.52 7.62 -33.71
C VAL A 289 -24.32 6.17 -33.26
N PRO A 290 -25.37 5.34 -33.37
CA PRO A 290 -25.30 3.99 -32.83
C PRO A 290 -24.39 3.10 -33.67
N PRO A 291 -23.97 1.93 -33.13
CA PRO A 291 -23.29 0.93 -33.91
C PRO A 291 -24.29 0.38 -34.93
N ARG A 292 -23.82 -0.14 -36.04
CA ARG A 292 -24.69 -0.81 -37.05
C ARG A 292 -24.12 -2.21 -37.24
N THR A 293 -24.99 -3.23 -37.28
CA THR A 293 -24.61 -4.59 -37.70
C THR A 293 -23.80 -4.49 -38.98
N ILE A 294 -22.71 -5.24 -39.08
CA ILE A 294 -21.85 -5.27 -40.29
C ILE A 294 -22.52 -6.19 -41.32
N SER A 295 -22.68 -5.70 -42.55
CA SER A 295 -23.29 -6.43 -43.70
C SER A 295 -22.38 -6.30 -44.91
N ASP A 296 -22.63 -7.10 -45.94
CA ASP A 296 -21.95 -6.94 -47.24
C ASP A 296 -22.28 -5.55 -47.81
N GLN A 297 -23.44 -4.99 -47.43
CA GLN A 297 -23.94 -3.64 -47.86
C GLN A 297 -23.05 -2.50 -47.28
N ASN A 298 -22.49 -2.63 -46.07
CA ASN A 298 -21.82 -1.51 -45.36
C ASN A 298 -20.40 -1.87 -44.90
N VAL A 299 -19.87 -3.07 -45.16
CA VAL A 299 -18.56 -3.50 -44.57
C VAL A 299 -17.41 -2.64 -45.16
N ALA A 300 -17.46 -2.31 -46.46
CA ALA A 300 -16.43 -1.47 -47.12
C ALA A 300 -16.29 -0.12 -46.41
N ALA A 301 -17.42 0.51 -46.09
CA ALA A 301 -17.48 1.87 -45.49
C ALA A 301 -17.13 1.80 -43.99
N ARG A 302 -17.76 0.86 -43.27
CA ARG A 302 -17.50 0.62 -41.83
C ARG A 302 -16.01 0.34 -41.66
N SER A 303 -15.43 -0.46 -42.56
CA SER A 303 -14.00 -0.86 -42.46
C SER A 303 -13.12 0.36 -42.69
N ASP A 304 -13.52 1.19 -43.64
CA ASP A 304 -12.75 2.42 -43.97
C ASP A 304 -12.72 3.32 -42.73
N LEU A 305 -13.86 3.53 -42.07
CA LEU A 305 -14.00 4.37 -40.86
C LEU A 305 -13.10 3.85 -39.71
N LEU A 306 -13.15 2.54 -39.48
CA LEU A 306 -12.44 1.88 -38.35
C LEU A 306 -10.94 1.88 -38.63
N VAL A 307 -10.54 1.47 -39.82
CA VAL A 307 -9.09 1.38 -40.15
C VAL A 307 -8.49 2.80 -40.08
N ASP A 308 -9.21 3.80 -40.55
CA ASP A 308 -8.76 5.23 -40.39
C ASP A 308 -8.48 5.54 -38.90
N GLN A 309 -9.38 5.15 -37.99
CA GLN A 309 -9.16 5.30 -36.52
C GLN A 309 -7.88 4.57 -36.07
N TRP A 310 -7.71 3.31 -36.46
CA TRP A 310 -6.54 2.47 -36.09
C TRP A 310 -5.27 3.15 -36.57
N LYS A 311 -5.27 3.64 -37.82
CA LYS A 311 -4.06 4.26 -38.40
C LYS A 311 -3.76 5.58 -37.66
N LYS A 312 -4.75 6.31 -37.19
CA LYS A 312 -4.49 7.51 -36.35
C LYS A 312 -3.89 7.08 -35.01
N LYS A 313 -4.48 6.08 -34.34
CA LYS A 313 -3.91 5.55 -33.07
C LYS A 313 -2.45 5.15 -33.27
N ALA A 314 -2.18 4.50 -34.39
CA ALA A 314 -0.84 3.93 -34.71
C ALA A 314 0.20 5.05 -34.88
N GLU A 315 -0.20 6.28 -35.24
CA GLU A 315 0.78 7.39 -35.42
C GLU A 315 1.40 7.74 -34.06
N LEU A 316 0.72 7.39 -32.97
CA LEU A 316 1.20 7.70 -31.60
C LEU A 316 2.29 6.72 -31.11
N TYR A 317 2.55 5.63 -31.84
CA TYR A 317 3.45 4.53 -31.38
C TYR A 317 4.51 4.30 -32.46
N ARG A 318 5.63 3.70 -32.09
CA ARG A 318 6.85 3.64 -32.93
C ARG A 318 6.87 2.38 -33.82
N THR A 319 6.00 1.41 -33.61
CA THR A 319 6.03 0.17 -34.42
C THR A 319 4.78 0.10 -35.27
N ASN A 320 4.72 -0.88 -36.16
CA ASN A 320 3.56 -1.15 -37.03
C ASN A 320 2.64 -2.18 -36.35
N VAL A 321 2.77 -2.37 -35.03
CA VAL A 321 1.91 -3.30 -34.24
C VAL A 321 1.00 -2.46 -33.35
N LEU A 322 -0.29 -2.68 -33.41
CA LEU A 322 -1.27 -1.80 -32.74
C LEU A 322 -2.09 -2.64 -31.77
N LEU A 323 -2.16 -2.18 -30.52
CA LEU A 323 -3.05 -2.75 -29.49
C LEU A 323 -4.39 -2.02 -29.51
N ILE A 324 -5.46 -2.80 -29.70
CA ILE A 324 -6.87 -2.34 -29.66
C ILE A 324 -7.62 -3.17 -28.63
N PRO A 325 -7.59 -2.73 -27.35
CA PRO A 325 -8.41 -3.36 -26.33
C PRO A 325 -9.87 -3.28 -26.76
N LEU A 326 -10.66 -4.30 -26.42
CA LEU A 326 -12.10 -4.39 -26.72
C LEU A 326 -12.86 -4.86 -25.49
N GLY A 327 -13.29 -3.92 -24.68
CA GLY A 327 -14.08 -4.26 -23.50
C GLY A 327 -14.36 -3.07 -22.61
N ASP A 328 -14.91 -3.37 -21.44
CA ASP A 328 -15.43 -2.36 -20.52
C ASP A 328 -15.79 -3.09 -19.21
N ASP A 329 -16.37 -2.34 -18.27
CA ASP A 329 -16.80 -2.82 -16.94
C ASP A 329 -17.79 -4.00 -17.10
N PHE A 330 -17.41 -5.14 -16.53
CA PHE A 330 -18.24 -6.37 -16.42
C PHE A 330 -18.87 -6.69 -17.77
N ARG A 331 -18.09 -6.56 -18.84
CA ARG A 331 -18.55 -6.95 -20.20
C ARG A 331 -18.42 -8.47 -20.38
N PHE A 332 -19.09 -8.97 -21.43
CA PHE A 332 -19.00 -10.37 -21.89
C PHE A 332 -19.72 -11.26 -20.88
N LYS A 333 -20.77 -10.68 -20.34
CA LYS A 333 -21.68 -11.34 -19.37
C LYS A 333 -22.69 -12.23 -20.12
N GLN A 334 -23.30 -11.70 -21.18
CA GLN A 334 -24.35 -12.43 -21.94
C GLN A 334 -23.71 -13.10 -23.15
N ASN A 335 -24.09 -14.34 -23.42
CA ASN A 335 -23.60 -15.13 -24.59
C ASN A 335 -23.87 -14.36 -25.89
N THR A 336 -24.95 -13.58 -25.96
CA THR A 336 -25.33 -12.79 -27.17
C THR A 336 -24.37 -11.60 -27.33
N GLU A 337 -23.84 -11.06 -26.23
CA GLU A 337 -22.81 -10.01 -26.35
C GLU A 337 -21.55 -10.63 -26.96
N TRP A 338 -21.16 -11.82 -26.53
CA TRP A 338 -20.05 -12.59 -27.16
C TRP A 338 -20.31 -12.76 -28.67
N ASP A 339 -21.54 -13.14 -29.05
CA ASP A 339 -21.92 -13.35 -30.47
C ASP A 339 -21.73 -12.03 -31.23
N VAL A 340 -22.39 -10.97 -30.76
CA VAL A 340 -22.52 -9.69 -31.51
C VAL A 340 -21.13 -9.04 -31.63
N GLN A 341 -20.27 -9.11 -30.61
CA GLN A 341 -18.90 -8.56 -30.69
C GLN A 341 -18.08 -9.44 -31.63
N ARG A 342 -18.06 -10.77 -31.44
CA ARG A 342 -17.21 -11.69 -32.25
C ARG A 342 -17.59 -11.65 -33.74
N VAL A 343 -18.87 -11.74 -34.06
CA VAL A 343 -19.33 -11.96 -35.47
C VAL A 343 -19.12 -10.67 -36.28
N ASN A 344 -19.52 -9.52 -35.74
CA ASN A 344 -19.28 -8.20 -36.38
C ASN A 344 -17.79 -7.96 -36.56
N TYR A 345 -16.95 -8.21 -35.56
CA TYR A 345 -15.48 -7.99 -35.72
C TYR A 345 -14.93 -8.97 -36.75
N GLU A 346 -15.45 -10.20 -36.79
CA GLU A 346 -14.94 -11.20 -37.77
C GLU A 346 -15.27 -10.73 -39.21
N ARG A 347 -16.46 -10.21 -39.45
CA ARG A 347 -16.85 -9.66 -40.78
C ARG A 347 -15.89 -8.52 -41.15
N LEU A 348 -15.55 -7.66 -40.18
CA LEU A 348 -14.62 -6.55 -40.45
C LEU A 348 -13.24 -7.11 -40.77
N PHE A 349 -12.75 -8.07 -39.97
CA PHE A 349 -11.41 -8.65 -40.18
C PHE A 349 -11.36 -9.33 -41.56
N GLU A 350 -12.41 -10.07 -41.91
CA GLU A 350 -12.41 -10.85 -43.18
C GLU A 350 -12.31 -9.87 -44.36
N HIS A 351 -13.10 -8.81 -44.31
CA HIS A 351 -13.10 -7.75 -45.35
C HIS A 351 -11.74 -7.07 -45.43
N ILE A 352 -11.24 -6.55 -44.29
CA ILE A 352 -10.01 -5.74 -44.21
C ILE A 352 -8.81 -6.57 -44.68
N ASN A 353 -8.71 -7.82 -44.22
CA ASN A 353 -7.53 -8.68 -44.50
C ASN A 353 -7.50 -9.05 -45.99
N SER A 354 -8.68 -9.21 -46.61
CA SER A 354 -8.88 -9.61 -48.04
C SER A 354 -8.74 -8.43 -49.02
N GLN A 355 -8.66 -7.18 -48.52
CA GLN A 355 -8.64 -5.93 -49.33
C GLN A 355 -7.27 -5.27 -49.22
N ALA A 356 -6.41 -5.46 -50.22
CA ALA A 356 -4.99 -5.08 -50.19
C ALA A 356 -4.82 -3.58 -49.98
N HIS A 357 -5.76 -2.76 -50.45
CA HIS A 357 -5.70 -1.27 -50.37
C HIS A 357 -5.61 -0.78 -48.90
N PHE A 358 -6.11 -1.55 -47.92
CA PHE A 358 -5.96 -1.21 -46.47
C PHE A 358 -4.52 -1.40 -46.01
N ASN A 359 -3.86 -2.45 -46.51
CA ASN A 359 -2.53 -2.87 -46.00
C ASN A 359 -2.60 -3.05 -44.46
N VAL A 360 -3.67 -3.70 -44.01
CA VAL A 360 -3.84 -4.12 -42.60
C VAL A 360 -3.98 -5.65 -42.52
N GLN A 361 -3.39 -6.25 -41.49
CA GLN A 361 -3.73 -7.61 -40.96
C GLN A 361 -4.29 -7.43 -39.54
N ALA A 362 -5.58 -7.67 -39.37
CA ALA A 362 -6.36 -7.49 -38.12
C ALA A 362 -6.85 -8.85 -37.63
N GLN A 363 -6.91 -9.04 -36.32
CA GLN A 363 -7.30 -10.33 -35.72
C GLN A 363 -7.44 -10.14 -34.21
N PHE A 364 -8.31 -10.94 -33.61
CA PHE A 364 -8.35 -11.16 -32.14
C PHE A 364 -6.96 -11.64 -31.71
N GLY A 365 -6.51 -11.11 -30.57
CA GLY A 365 -5.17 -11.30 -30.02
C GLY A 365 -5.21 -11.22 -28.50
N THR A 366 -4.08 -11.54 -27.85
CA THR A 366 -3.93 -11.41 -26.39
C THR A 366 -2.90 -10.32 -26.16
N LEU A 367 -2.75 -9.90 -24.90
CA LEU A 367 -1.77 -8.85 -24.54
C LEU A 367 -0.36 -9.36 -24.83
N GLN A 368 -0.05 -10.58 -24.40
CA GLN A 368 1.31 -11.13 -24.63
C GLN A 368 1.60 -11.16 -26.14
N GLU A 369 0.64 -11.53 -26.95
CA GLU A 369 0.78 -11.52 -28.44
C GLU A 369 1.15 -10.12 -28.93
N TYR A 370 0.52 -9.07 -28.38
CA TYR A 370 0.86 -7.67 -28.77
C TYR A 370 2.34 -7.42 -28.47
N PHE A 371 2.74 -7.63 -27.22
CA PHE A 371 4.11 -7.30 -26.74
C PHE A 371 5.14 -8.14 -27.54
N ASP A 372 4.86 -9.42 -27.79
CA ASP A 372 5.79 -10.31 -28.54
C ASP A 372 6.05 -9.69 -29.91
N ALA A 373 5.01 -9.29 -30.61
CA ALA A 373 5.09 -8.65 -31.95
C ALA A 373 5.87 -7.35 -31.84
N VAL A 374 5.60 -6.52 -30.83
CA VAL A 374 6.33 -5.23 -30.63
C VAL A 374 7.82 -5.53 -30.47
N HIS A 375 8.20 -6.52 -29.65
CA HIS A 375 9.65 -6.83 -29.45
C HIS A 375 10.23 -7.44 -30.74
N GLN A 376 9.47 -8.22 -31.52
CA GLN A 376 9.96 -8.74 -32.83
C GLN A 376 10.31 -7.53 -33.71
N ALA A 377 9.43 -6.53 -33.79
CA ALA A 377 9.67 -5.26 -34.53
C ALA A 377 10.94 -4.55 -34.02
N GLU A 378 11.14 -4.47 -32.70
CA GLU A 378 12.32 -3.80 -32.08
C GLU A 378 13.63 -4.50 -32.50
N ARG A 379 13.70 -5.82 -32.32
CA ARG A 379 14.89 -6.67 -32.62
C ARG A 379 15.30 -6.52 -34.09
N ALA A 380 14.33 -6.29 -34.97
CA ALA A 380 14.51 -6.10 -36.43
C ALA A 380 14.84 -4.64 -36.76
N GLY A 381 15.15 -3.80 -35.77
CA GLY A 381 15.69 -2.43 -35.99
C GLY A 381 14.63 -1.41 -36.37
N GLN A 382 13.36 -1.78 -36.23
CA GLN A 382 12.17 -0.99 -36.69
C GLN A 382 11.85 0.16 -35.73
N ALA A 383 12.20 0.05 -34.44
CA ALA A 383 11.97 1.08 -33.40
C ALA A 383 13.00 0.93 -32.28
N GLU A 384 13.48 2.02 -31.73
CA GLU A 384 14.18 1.99 -30.43
C GLU A 384 13.41 2.89 -29.47
N PHE A 385 13.22 2.40 -28.25
CA PHE A 385 12.26 2.99 -27.28
C PHE A 385 13.00 3.87 -26.30
N PRO A 386 12.33 4.95 -25.88
CA PRO A 386 12.89 5.87 -24.90
C PRO A 386 12.90 5.23 -23.50
N THR A 387 13.77 5.73 -22.62
CA THR A 387 13.87 5.34 -21.18
C THR A 387 13.12 6.38 -20.36
N LEU A 388 12.51 5.94 -19.26
CA LEU A 388 11.75 6.87 -18.38
C LEU A 388 11.91 6.47 -16.91
N SER A 389 11.97 7.47 -16.06
CA SER A 389 11.90 7.33 -14.59
C SER A 389 10.91 8.36 -14.05
N GLY A 390 10.29 8.06 -12.92
CA GLY A 390 9.33 8.95 -12.25
C GLY A 390 8.05 8.20 -11.96
N ASP A 391 7.02 8.92 -11.57
CA ASP A 391 5.71 8.32 -11.24
C ASP A 391 4.65 9.07 -12.05
N PHE A 392 3.42 8.66 -11.91
CA PHE A 392 2.27 9.27 -12.63
C PHE A 392 1.22 9.68 -11.61
N PHE A 393 1.65 10.40 -10.57
CA PHE A 393 0.77 11.06 -9.58
C PHE A 393 1.08 12.55 -9.65
N THR A 394 0.09 13.40 -9.47
CA THR A 394 -1.29 13.03 -9.18
C THR A 394 -2.08 13.05 -10.48
N TYR A 395 -2.88 12.01 -10.71
CA TYR A 395 -3.78 11.84 -11.87
C TYR A 395 -4.91 12.90 -11.93
N ALA A 396 -5.13 13.44 -13.13
CA ALA A 396 -6.36 14.20 -13.52
C ALA A 396 -6.90 13.61 -14.82
N ASP A 397 -8.19 13.23 -14.84
CA ASP A 397 -8.86 12.73 -16.07
C ASP A 397 -9.43 13.89 -16.92
N ARG A 398 -9.62 15.09 -16.33
CA ARG A 398 -10.15 16.29 -17.06
C ARG A 398 -9.99 17.56 -16.21
N SER A 399 -9.92 18.71 -16.89
CA SER A 399 -9.73 20.08 -16.32
C SER A 399 -8.86 20.06 -15.06
N ASP A 400 -9.45 20.33 -13.89
CA ASP A 400 -8.76 20.48 -12.58
C ASP A 400 -9.24 19.37 -11.65
N ASN A 401 -9.78 18.28 -12.22
CA ASN A 401 -10.33 17.15 -11.46
C ASN A 401 -9.15 16.22 -11.12
N TYR A 402 -8.33 16.62 -10.14
CA TYR A 402 -7.19 15.83 -9.60
C TYR A 402 -7.68 14.82 -8.57
N TRP A 403 -7.21 13.56 -8.67
CA TRP A 403 -7.74 12.47 -7.81
C TRP A 403 -6.83 12.33 -6.59
N SER A 404 -6.68 13.40 -5.81
CA SER A 404 -5.91 13.34 -4.55
C SER A 404 -6.84 13.07 -3.35
N GLY A 405 -8.15 13.02 -3.54
CA GLY A 405 -9.13 12.72 -2.46
C GLY A 405 -8.95 11.33 -1.86
N TYR A 406 -8.72 10.33 -2.71
CA TYR A 406 -8.68 8.91 -2.30
C TYR A 406 -7.35 8.59 -1.60
N TYR A 407 -6.41 9.53 -1.56
CA TYR A 407 -5.22 9.38 -0.70
C TYR A 407 -5.64 9.39 0.77
N THR A 408 -6.86 9.83 1.05
CA THR A 408 -7.32 10.03 2.46
C THR A 408 -8.66 9.32 2.70
N SER A 409 -9.50 9.12 1.69
CA SER A 409 -10.88 8.60 1.86
C SER A 409 -10.88 7.33 2.72
N ARG A 410 -11.83 7.26 3.68
CA ARG A 410 -12.02 6.10 4.61
C ARG A 410 -10.71 5.78 5.32
N PRO A 411 -10.16 6.74 6.09
CA PRO A 411 -8.85 6.59 6.72
C PRO A 411 -8.81 5.51 7.79
N TYR A 412 -9.96 5.14 8.36
CA TYR A 412 -10.04 4.03 9.34
C TYR A 412 -9.47 2.76 8.72
N HIS A 413 -9.92 2.43 7.50
CA HIS A 413 -9.56 1.17 6.80
C HIS A 413 -8.15 1.30 6.21
N LYS A 414 -7.74 2.51 5.86
CA LYS A 414 -6.34 2.81 5.45
C LYS A 414 -5.38 2.44 6.59
N ARG A 415 -5.72 2.82 7.82
CA ARG A 415 -4.95 2.45 9.05
C ARG A 415 -5.04 0.93 9.26
N MET A 416 -6.23 0.37 9.10
CA MET A 416 -6.42 -1.08 9.33
C MET A 416 -5.51 -1.89 8.39
N ASP A 417 -5.34 -1.43 7.16
CA ASP A 417 -4.47 -2.08 6.17
C ASP A 417 -3.08 -2.29 6.78
N ARG A 418 -2.49 -1.25 7.35
CA ARG A 418 -1.12 -1.34 7.93
C ARG A 418 -1.06 -2.29 9.13
N VAL A 419 -2.11 -2.32 9.95
CA VAL A 419 -2.16 -3.23 11.13
C VAL A 419 -2.18 -4.68 10.61
N LEU A 420 -3.08 -4.98 9.69
CA LEU A 420 -3.23 -6.35 9.14
C LEU A 420 -1.95 -6.74 8.41
N MET A 421 -1.32 -5.81 7.67
CA MET A 421 -0.02 -6.06 6.98
C MET A 421 0.98 -6.64 7.99
N HIS A 422 1.14 -5.97 9.13
CA HIS A 422 2.10 -6.38 10.18
C HIS A 422 1.71 -7.75 10.77
N TYR A 423 0.45 -7.95 11.10
CA TYR A 423 -0.05 -9.21 11.72
C TYR A 423 0.14 -10.39 10.76
N VAL A 424 -0.06 -10.18 9.47
CA VAL A 424 0.15 -11.28 8.49
C VAL A 424 1.65 -11.58 8.47
N ARG A 425 2.50 -10.55 8.44
CA ARG A 425 3.97 -10.78 8.46
C ARG A 425 4.38 -11.54 9.73
N ALA A 426 3.88 -11.11 10.89
CA ALA A 426 4.25 -11.72 12.19
C ALA A 426 3.74 -13.17 12.27
N ALA A 427 2.49 -13.41 11.88
CA ALA A 427 1.83 -14.74 11.92
C ALA A 427 2.57 -15.70 11.01
N GLU A 428 2.93 -15.26 9.78
CA GLU A 428 3.67 -16.11 8.82
C GLU A 428 5.08 -16.35 9.36
N MET A 429 5.73 -15.35 9.93
CA MET A 429 7.11 -15.51 10.45
C MET A 429 7.09 -16.46 11.68
N LEU A 430 6.20 -16.23 12.65
CA LEU A 430 6.21 -17.00 13.92
C LEU A 430 5.92 -18.48 13.63
N SER A 431 5.01 -18.76 12.68
CA SER A 431 4.55 -20.13 12.37
C SER A 431 5.53 -20.82 11.43
N ALA A 432 6.39 -20.07 10.75
CA ALA A 432 7.36 -20.59 9.74
C ALA A 432 8.41 -21.46 10.40
N TRP A 433 8.75 -21.17 11.67
CA TRP A 433 9.86 -21.85 12.39
C TRP A 433 9.63 -23.37 12.45
N HIS A 434 8.37 -23.82 12.42
CA HIS A 434 8.00 -25.27 12.56
C HIS A 434 7.06 -25.73 11.44
N SER A 435 7.08 -27.04 11.17
CA SER A 435 6.05 -27.77 10.41
CA SER A 435 6.02 -27.75 10.40
C SER A 435 4.85 -27.99 11.35
N TRP A 436 3.63 -27.74 10.90
CA TRP A 436 2.45 -27.90 11.78
C TRP A 436 1.55 -29.04 11.30
N ASP A 437 1.03 -29.81 12.24
CA ASP A 437 0.00 -30.85 11.98
C ASP A 437 -1.21 -30.15 11.38
N GLY A 438 -1.79 -30.74 10.33
CA GLY A 438 -2.94 -30.18 9.60
C GLY A 438 -4.12 -29.93 10.51
N MET A 439 -4.20 -30.69 11.61
CA MET A 439 -5.20 -30.46 12.68
C MET A 439 -5.07 -29.03 13.27
N ALA A 440 -3.90 -28.40 13.22
CA ALA A 440 -3.72 -27.02 13.79
C ALA A 440 -4.44 -25.97 12.93
N ARG A 441 -4.72 -26.28 11.66
CA ARG A 441 -5.32 -25.36 10.65
C ARG A 441 -4.55 -24.03 10.61
N ILE A 442 -3.22 -24.08 10.61
CA ILE A 442 -2.31 -22.91 10.44
C ILE A 442 -2.46 -22.43 8.99
N GLU A 443 -2.32 -23.35 8.02
CA GLU A 443 -2.33 -23.06 6.56
C GLU A 443 -3.68 -22.42 6.20
N GLU A 444 -4.79 -22.94 6.70
CA GLU A 444 -6.16 -22.41 6.44
C GLU A 444 -6.29 -20.96 6.93
N ARG A 445 -5.83 -20.69 8.15
CA ARG A 445 -5.89 -19.35 8.75
C ARG A 445 -4.98 -18.39 7.98
N LEU A 446 -3.76 -18.79 7.66
CA LEU A 446 -2.82 -17.88 6.97
C LEU A 446 -3.35 -17.61 5.55
N GLU A 447 -3.99 -18.59 4.91
CA GLU A 447 -4.52 -18.40 3.56
C GLU A 447 -5.68 -17.40 3.62
N GLN A 448 -6.58 -17.56 4.57
CA GLN A 448 -7.67 -16.57 4.79
C GLN A 448 -7.01 -15.19 4.98
N ALA A 449 -6.08 -15.07 5.91
CA ALA A 449 -5.50 -13.75 6.26
C ALA A 449 -4.87 -13.14 5.00
N ARG A 450 -3.99 -13.85 4.29
CA ARG A 450 -3.39 -13.35 3.03
C ARG A 450 -4.47 -12.90 2.03
N ARG A 451 -5.60 -13.59 1.88
CA ARG A 451 -6.58 -13.30 0.81
C ARG A 451 -7.45 -12.08 1.16
N GLU A 452 -7.87 -11.93 2.42
CA GLU A 452 -8.64 -10.74 2.87
C GLU A 452 -7.75 -9.51 2.71
N LEU A 453 -6.48 -9.58 3.09
CA LEU A 453 -5.56 -8.41 2.94
C LEU A 453 -5.30 -8.19 1.45
N SER A 454 -5.09 -9.27 0.66
CA SER A 454 -4.88 -9.14 -0.80
C SER A 454 -6.08 -8.47 -1.45
N LEU A 455 -7.29 -8.88 -1.07
CA LEU A 455 -8.54 -8.32 -1.61
C LEU A 455 -8.61 -6.81 -1.32
N PHE A 456 -8.21 -6.39 -0.13
CA PHE A 456 -8.28 -4.97 0.27
C PHE A 456 -7.31 -4.12 -0.55
N GLN A 457 -6.30 -4.72 -1.19
CA GLN A 457 -5.39 -3.94 -2.04
C GLN A 457 -6.11 -3.43 -3.29
N HIS A 458 -7.25 -4.01 -3.65
CA HIS A 458 -8.09 -3.56 -4.79
C HIS A 458 -8.14 -2.01 -4.83
N HIS A 459 -8.22 -1.47 -6.04
CA HIS A 459 -8.31 -0.02 -6.33
C HIS A 459 -9.68 0.56 -5.96
N ASP A 460 -10.61 -0.20 -5.37
CA ASP A 460 -11.76 0.40 -4.61
C ASP A 460 -11.78 -0.05 -3.14
N GLY A 461 -10.75 -0.75 -2.66
CA GLY A 461 -10.58 -1.17 -1.26
C GLY A 461 -9.89 -0.09 -0.44
N ILE A 462 -8.57 -0.19 -0.37
CA ILE A 462 -7.69 0.72 0.41
C ILE A 462 -7.94 2.17 -0.01
N THR A 463 -8.31 2.42 -1.26
CA THR A 463 -8.61 3.77 -1.81
C THR A 463 -9.78 4.46 -1.06
N GLY A 464 -10.69 3.71 -0.45
CA GLY A 464 -11.91 4.27 0.17
C GLY A 464 -12.88 4.78 -0.88
N THR A 465 -12.97 4.13 -2.04
CA THR A 465 -13.86 4.56 -3.14
C THR A 465 -14.98 3.55 -3.39
N ALA A 466 -15.37 2.75 -2.41
CA ALA A 466 -16.48 1.77 -2.55
C ALA A 466 -17.73 2.24 -1.78
N LYS A 467 -18.87 1.62 -2.05
CA LYS A 467 -20.13 1.96 -1.33
C LYS A 467 -19.94 1.52 0.13
N THR A 468 -20.67 2.18 1.04
CA THR A 468 -20.66 1.93 2.50
C THR A 468 -20.79 0.43 2.79
N HIS A 469 -21.76 -0.28 2.19
CA HIS A 469 -22.00 -1.71 2.52
C HIS A 469 -20.80 -2.55 2.07
N VAL A 470 -20.07 -2.11 1.05
CA VAL A 470 -18.87 -2.84 0.56
C VAL A 470 -17.69 -2.56 1.50
N VAL A 471 -17.53 -1.32 1.94
CA VAL A 471 -16.50 -0.96 2.96
C VAL A 471 -16.71 -1.84 4.20
N VAL A 472 -17.96 -2.07 4.58
CA VAL A 472 -18.33 -2.95 5.74
C VAL A 472 -17.87 -4.37 5.45
N ASP A 473 -18.07 -4.87 4.24
CA ASP A 473 -17.58 -6.22 3.87
C ASP A 473 -16.05 -6.24 4.05
N TYR A 474 -15.31 -5.28 3.48
CA TYR A 474 -13.83 -5.27 3.58
C TYR A 474 -13.44 -5.26 5.06
N GLU A 475 -14.11 -4.42 5.85
CA GLU A 475 -13.79 -4.29 7.29
C GLU A 475 -13.98 -5.63 7.99
N GLN A 476 -15.10 -6.32 7.73
CA GLN A 476 -15.43 -7.60 8.42
C GLN A 476 -14.44 -8.67 7.97
N ARG A 477 -14.07 -8.66 6.67
CA ARG A 477 -13.07 -9.61 6.14
C ARG A 477 -11.73 -9.37 6.86
N MET A 478 -11.32 -8.10 6.98
CA MET A 478 -10.00 -7.78 7.60
C MET A 478 -10.04 -8.12 9.10
N GLN A 479 -11.18 -7.95 9.75
CA GLN A 479 -11.36 -8.29 11.19
C GLN A 479 -11.22 -9.80 11.38
N GLU A 480 -11.84 -10.61 10.53
CA GLU A 480 -11.65 -12.09 10.54
C GLU A 480 -10.18 -12.42 10.29
N ALA A 481 -9.54 -11.75 9.33
CA ALA A 481 -8.11 -11.96 9.04
C ALA A 481 -7.27 -11.67 10.29
N LEU A 482 -7.52 -10.56 10.98
CA LEU A 482 -6.74 -10.21 12.20
C LEU A 482 -6.89 -11.35 13.24
N LYS A 483 -8.11 -11.83 13.43
CA LYS A 483 -8.44 -12.90 14.42
C LYS A 483 -7.65 -14.15 14.04
N ALA A 484 -7.63 -14.51 12.75
CA ALA A 484 -6.85 -15.65 12.22
C ALA A 484 -5.36 -15.50 12.54
N CYS A 485 -4.75 -14.33 12.25
CA CYS A 485 -3.33 -14.05 12.59
C CYS A 485 -3.05 -14.23 14.10
N GLN A 486 -3.91 -13.70 14.97
CA GLN A 486 -3.74 -13.75 16.44
C GLN A 486 -3.69 -15.22 16.91
N MET A 487 -4.60 -16.04 16.39
CA MET A 487 -4.68 -17.48 16.74
C MET A 487 -3.38 -18.16 16.31
N VAL A 488 -2.85 -17.87 15.12
CA VAL A 488 -1.58 -18.48 14.61
C VAL A 488 -0.43 -17.99 15.48
N MET A 489 -0.37 -16.68 15.72
CA MET A 489 0.74 -16.06 16.50
C MET A 489 0.78 -16.69 17.89
N GLN A 490 -0.36 -16.76 18.60
CA GLN A 490 -0.36 -17.24 20.02
C GLN A 490 0.03 -18.73 20.08
N GLN A 491 -0.50 -19.57 19.18
CA GLN A 491 -0.09 -21.00 19.08
C GLN A 491 1.40 -21.08 18.84
N SER A 492 1.94 -20.24 17.95
CA SER A 492 3.37 -20.28 17.56
C SER A 492 4.25 -19.91 18.77
N VAL A 493 3.87 -18.86 19.50
CA VAL A 493 4.67 -18.35 20.65
C VAL A 493 4.68 -19.44 21.73
N TYR A 494 3.54 -20.08 21.96
CA TYR A 494 3.45 -21.12 23.01
C TYR A 494 4.42 -22.26 22.67
N ARG A 495 4.45 -22.66 21.40
CA ARG A 495 5.37 -23.71 20.91
C ARG A 495 6.82 -23.25 21.03
N LEU A 496 7.15 -22.00 20.72
CA LEU A 496 8.56 -21.55 20.64
C LEU A 496 9.15 -21.37 22.04
N LEU A 497 8.30 -21.18 23.06
CA LEU A 497 8.75 -20.78 24.43
C LEU A 497 8.32 -21.80 25.50
N THR A 498 7.84 -22.98 25.11
CA THR A 498 7.48 -24.08 26.04
C THR A 498 8.49 -25.21 25.81
N LYS A 499 9.09 -25.74 26.87
CA LYS A 499 10.11 -26.83 26.77
C LYS A 499 9.53 -27.95 25.90
N PRO A 500 10.29 -28.43 24.88
CA PRO A 500 9.81 -29.50 24.00
C PRO A 500 9.36 -30.76 24.75
N SER A 501 9.98 -31.09 25.89
CA SER A 501 9.63 -32.25 26.75
C SER A 501 8.23 -32.10 27.38
N ILE A 502 7.74 -30.87 27.49
CA ILE A 502 6.39 -30.56 28.07
C ILE A 502 5.36 -30.24 26.99
N TYR A 503 5.79 -29.64 25.87
CA TYR A 503 4.88 -29.04 24.85
C TYR A 503 3.85 -30.08 24.42
N SER A 504 2.56 -29.85 24.69
CA SER A 504 1.47 -30.80 24.37
C SER A 504 0.23 -30.02 23.97
N PRO A 505 0.17 -29.43 22.75
CA PRO A 505 -0.82 -28.41 22.45
C PRO A 505 -2.25 -28.89 22.24
N ASP A 506 -3.20 -28.09 22.73
CA ASP A 506 -4.61 -28.06 22.28
C ASP A 506 -4.72 -26.97 21.21
N PHE A 507 -4.77 -27.37 19.95
CA PHE A 507 -4.72 -26.43 18.80
C PHE A 507 -5.94 -25.51 18.81
N SER A 508 -6.98 -25.80 19.58
CA SER A 508 -8.15 -24.90 19.69
C SER A 508 -8.00 -23.95 20.89
N PHE A 509 -6.93 -24.04 21.66
CA PHE A 509 -6.80 -23.28 22.93
C PHE A 509 -6.12 -21.92 22.70
N SER A 510 -6.58 -20.91 23.46
CA SER A 510 -5.95 -19.56 23.59
C SER A 510 -4.90 -19.58 24.70
N TYR A 511 -3.64 -19.85 24.35
CA TYR A 511 -2.51 -19.85 25.31
C TYR A 511 -2.12 -18.41 25.65
N PHE A 512 -2.23 -17.51 24.68
CA PHE A 512 -2.01 -16.06 24.91
C PHE A 512 -3.12 -15.24 24.25
N THR A 513 -3.36 -14.06 24.82
CA THR A 513 -4.17 -12.99 24.19
C THR A 513 -3.18 -11.92 23.71
N LEU A 514 -3.42 -11.31 22.56
CA LEU A 514 -2.60 -10.19 22.04
C LEU A 514 -3.04 -8.90 22.71
N ASP A 515 -2.09 -8.04 23.04
CA ASP A 515 -2.34 -6.69 23.56
C ASP A 515 -1.81 -5.71 22.51
N ASP A 516 -2.65 -4.81 22.02
CA ASP A 516 -2.26 -3.83 20.99
C ASP A 516 -2.68 -2.45 21.47
N SER A 517 -1.73 -1.60 21.84
CA SER A 517 -1.98 -0.20 22.28
C SER A 517 -2.39 0.71 21.13
N ARG A 518 -2.25 0.30 19.87
CA ARG A 518 -2.37 1.25 18.70
C ARG A 518 -3.53 0.90 17.76
N TRP A 519 -4.10 -0.30 17.88
CA TRP A 519 -5.26 -0.67 17.04
C TRP A 519 -6.24 -1.48 17.89
N PRO A 520 -7.54 -1.12 17.89
CA PRO A 520 -8.02 0.11 17.26
C PRO A 520 -7.63 1.42 17.95
N GLY A 521 -7.10 1.33 19.18
CA GLY A 521 -6.82 2.50 20.05
C GLY A 521 -7.90 2.65 21.11
N SER A 522 -7.52 2.74 22.39
CA SER A 522 -8.45 2.72 23.56
C SER A 522 -9.51 3.81 23.41
N GLY A 523 -9.14 4.97 22.82
CA GLY A 523 -10.03 6.07 22.43
C GLY A 523 -11.05 5.64 21.37
N VAL A 524 -10.71 4.70 20.49
CA VAL A 524 -11.62 4.19 19.42
C VAL A 524 -12.50 3.07 19.99
N GLU A 525 -11.91 2.03 20.60
CA GLU A 525 -12.66 0.96 21.32
C GLU A 525 -11.85 0.56 22.57
N ASP A 526 -12.44 0.81 23.75
CA ASP A 526 -11.92 0.44 25.09
C ASP A 526 -11.97 -1.09 25.23
N SER A 527 -11.02 -1.79 24.59
CA SER A 527 -11.05 -3.26 24.37
C SER A 527 -9.84 -3.97 24.98
N ARG A 528 -8.75 -3.26 25.27
CA ARG A 528 -7.53 -3.87 25.86
C ARG A 528 -7.90 -4.60 27.16
N THR A 529 -7.35 -5.79 27.40
CA THR A 529 -7.60 -6.60 28.62
C THR A 529 -6.78 -6.03 29.78
N THR A 530 -7.39 -5.84 30.96
CA THR A 530 -6.64 -5.53 32.21
C THR A 530 -6.07 -6.83 32.76
N ILE A 531 -4.77 -6.90 32.99
CA ILE A 531 -4.17 -8.00 33.77
C ILE A 531 -4.53 -7.78 35.25
N ILE A 532 -5.40 -8.63 35.79
CA ILE A 532 -5.92 -8.49 37.18
C ILE A 532 -5.01 -9.33 38.09
N LEU A 533 -4.19 -8.66 38.91
CA LEU A 533 -3.27 -9.30 39.86
C LEU A 533 -3.74 -9.07 41.30
N GLY A 534 -3.50 -10.06 42.17
CA GLY A 534 -3.67 -9.94 43.64
C GLY A 534 -2.85 -11.00 44.35
N GLU A 535 -2.16 -10.63 45.44
CA GLU A 535 -1.37 -11.54 46.31
C GLU A 535 -2.26 -12.73 46.70
N ASP A 536 -3.54 -12.47 46.96
CA ASP A 536 -4.65 -13.46 47.06
C ASP A 536 -4.80 -14.17 45.70
N ILE A 537 -5.47 -13.51 44.75
CA ILE A 537 -6.15 -14.14 43.58
C ILE A 537 -5.12 -14.65 42.55
N LEU A 538 -4.19 -13.81 42.09
CA LEU A 538 -3.15 -14.16 41.09
C LEU A 538 -1.97 -13.20 41.20
N PRO A 539 -0.83 -13.63 41.77
CA PRO A 539 0.24 -12.71 42.14
C PRO A 539 1.07 -12.15 40.96
N SER A 540 1.31 -12.97 39.92
CA SER A 540 2.19 -12.63 38.76
C SER A 540 1.59 -13.07 37.40
N LYS A 541 2.09 -12.47 36.31
CA LYS A 541 1.66 -12.74 34.91
C LYS A 541 2.87 -12.71 33.97
N HIS A 542 3.05 -13.77 33.19
CA HIS A 542 4.01 -13.82 32.06
C HIS A 542 3.47 -12.99 30.88
N VAL A 543 4.29 -12.10 30.35
CA VAL A 543 4.01 -11.41 29.05
C VAL A 543 5.19 -11.71 28.13
N VAL A 544 4.96 -11.70 26.82
CA VAL A 544 5.97 -12.08 25.80
C VAL A 544 5.91 -11.03 24.68
N MET A 545 7.07 -10.56 24.24
CA MET A 545 7.24 -9.63 23.11
C MET A 545 7.90 -10.40 21.97
N HIS A 546 7.38 -10.19 20.76
CA HIS A 546 7.92 -10.69 19.47
C HIS A 546 8.50 -9.49 18.72
N ASN A 547 9.64 -9.69 18.09
CA ASN A 547 10.32 -8.71 17.23
C ASN A 547 10.49 -9.31 15.83
N THR A 548 9.64 -8.92 14.87
CA THR A 548 9.69 -9.48 13.49
C THR A 548 10.95 -8.98 12.76
N LEU A 549 11.58 -7.90 13.20
CA LEU A 549 12.76 -7.34 12.50
C LEU A 549 14.02 -8.16 12.78
N PRO A 550 14.90 -8.34 11.77
CA PRO A 550 16.13 -9.11 11.93
C PRO A 550 17.30 -8.36 12.59
N HIS A 551 17.04 -7.64 13.67
CA HIS A 551 18.08 -7.04 14.55
C HIS A 551 17.55 -6.92 15.99
N TRP A 552 18.45 -6.92 16.99
CA TRP A 552 18.10 -6.64 18.41
C TRP A 552 17.30 -5.35 18.45
N ARG A 553 16.20 -5.34 19.20
CA ARG A 553 15.39 -4.12 19.36
C ARG A 553 15.03 -3.95 20.85
N GLU A 554 15.16 -2.71 21.31
CA GLU A 554 14.65 -2.23 22.61
C GLU A 554 13.51 -1.29 22.28
N GLN A 555 12.36 -1.49 22.89
CA GLN A 555 11.18 -0.63 22.65
C GLN A 555 10.44 -0.63 23.99
N LEU A 556 9.95 0.53 24.40
CA LEU A 556 9.01 0.59 25.53
C LEU A 556 7.76 -0.18 25.11
N VAL A 557 7.25 -1.01 26.02
CA VAL A 557 5.92 -1.69 25.88
C VAL A 557 5.11 -1.30 27.10
N ASP A 558 3.80 -1.35 26.97
CA ASP A 558 2.87 -1.09 28.08
C ASP A 558 1.81 -2.18 28.15
N PHE A 559 1.29 -2.42 29.36
CA PHE A 559 0.11 -3.29 29.64
C PHE A 559 -0.82 -2.62 30.66
N TYR A 560 -2.12 -2.88 30.57
CA TYR A 560 -3.11 -2.49 31.60
C TYR A 560 -3.00 -3.46 32.78
N VAL A 561 -2.92 -2.92 34.00
CA VAL A 561 -2.88 -3.71 35.28
C VAL A 561 -3.89 -3.14 36.30
N SER A 562 -4.40 -4.03 37.15
CA SER A 562 -5.46 -3.78 38.16
C SER A 562 -4.91 -2.95 39.33
N SER A 563 -3.59 -2.95 39.57
CA SER A 563 -2.90 -2.21 40.67
C SER A 563 -1.70 -1.43 40.16
N PRO A 564 -1.39 -0.24 40.74
CA PRO A 564 -0.17 0.49 40.39
C PRO A 564 1.09 -0.08 41.04
N PHE A 565 0.97 -1.04 41.96
CA PHE A 565 2.12 -1.59 42.72
C PHE A 565 2.59 -2.85 42.01
N VAL A 566 3.22 -2.65 40.85
CA VAL A 566 3.68 -3.77 39.99
C VAL A 566 5.14 -3.54 39.65
N SER A 567 5.89 -4.63 39.66
CA SER A 567 7.35 -4.67 39.38
C SER A 567 7.58 -5.61 38.20
N VAL A 568 8.53 -5.25 37.35
CA VAL A 568 8.87 -6.06 36.15
C VAL A 568 10.16 -6.82 36.42
N THR A 569 10.19 -8.10 36.06
CA THR A 569 11.42 -8.92 36.01
C THR A 569 11.46 -9.61 34.67
N ASP A 570 12.65 -10.04 34.22
CA ASP A 570 12.75 -11.08 33.18
C ASP A 570 12.45 -12.41 33.89
N LEU A 571 12.54 -13.53 33.18
CA LEU A 571 12.24 -14.87 33.75
C LEU A 571 13.39 -15.27 34.69
N ALA A 572 14.61 -14.75 34.46
CA ALA A 572 15.80 -14.92 35.33
C ALA A 572 15.67 -14.11 36.63
N ASN A 573 14.57 -13.39 36.81
CA ASN A 573 14.25 -12.58 38.02
C ASN A 573 15.16 -11.34 38.14
N ASN A 574 15.88 -10.97 37.09
CA ASN A 574 16.60 -9.67 37.01
C ASN A 574 15.54 -8.57 36.97
N PRO A 575 15.64 -7.53 37.83
CA PRO A 575 14.64 -6.48 37.86
C PRO A 575 14.78 -5.62 36.60
N VAL A 576 13.68 -5.02 36.18
CA VAL A 576 13.60 -4.18 34.95
C VAL A 576 12.94 -2.89 35.37
N GLU A 577 13.54 -1.76 35.03
CA GLU A 577 12.99 -0.46 35.44
C GLU A 577 11.68 -0.25 34.66
N ALA A 578 10.69 0.28 35.36
CA ALA A 578 9.31 0.45 34.90
C ALA A 578 8.77 1.77 35.42
N GLN A 579 7.72 2.20 34.77
CA GLN A 579 6.95 3.40 35.07
C GLN A 579 5.47 3.01 35.00
N VAL A 580 4.69 3.46 35.97
CA VAL A 580 3.22 3.32 36.00
C VAL A 580 2.61 4.68 35.71
N SER A 581 1.69 4.72 34.76
CA SER A 581 0.90 5.93 34.43
C SER A 581 -0.56 5.59 34.65
N PRO A 582 -1.41 6.60 34.87
CA PRO A 582 -2.85 6.37 34.88
C PRO A 582 -3.36 5.99 33.48
N VAL A 583 -4.57 5.45 33.44
CA VAL A 583 -5.34 5.22 32.19
C VAL A 583 -6.30 6.39 31.99
N TRP A 584 -6.04 7.20 30.98
CA TRP A 584 -6.82 8.40 30.62
C TRP A 584 -7.73 8.12 29.41
N SER A 585 -8.97 8.60 29.44
CA SER A 585 -9.89 8.64 28.28
C SER A 585 -10.52 10.03 28.19
N TRP A 586 -11.01 10.43 27.02
CA TRP A 586 -11.59 11.77 26.75
C TRP A 586 -13.10 11.66 26.52
N HIS A 587 -13.88 12.65 26.99
CA HIS A 587 -15.37 12.65 26.97
C HIS A 587 -15.92 14.03 26.58
N HIS A 588 -17.15 14.06 26.03
CA HIS A 588 -17.89 15.25 25.54
C HIS A 588 -18.92 15.66 26.62
N ASP A 589 -20.07 16.26 26.26
CA ASP A 589 -21.24 16.41 27.17
C ASP A 589 -22.54 16.62 26.37
N THR A 594 -17.66 20.62 25.34
CA THR A 594 -16.44 20.51 26.18
C THR A 594 -15.86 19.09 26.10
N ILE A 595 -14.56 18.99 25.76
CA ILE A 595 -13.81 17.71 25.68
C ILE A 595 -12.78 17.69 26.81
N HIS A 596 -12.95 16.78 27.77
CA HIS A 596 -12.14 16.70 29.01
C HIS A 596 -11.76 15.25 29.36
N PRO A 597 -10.57 15.08 29.97
CA PRO A 597 -10.08 13.75 30.33
C PRO A 597 -10.63 13.27 31.68
N GLN A 598 -10.97 11.99 31.76
CA GLN A 598 -11.30 11.25 33.02
C GLN A 598 -10.24 10.15 33.19
N GLY A 599 -9.90 9.82 34.44
CA GLY A 599 -8.89 8.81 34.79
C GLY A 599 -9.51 7.62 35.52
N SER A 600 -9.05 6.40 35.20
CA SER A 600 -9.49 5.13 35.81
C SER A 600 -9.05 5.11 37.28
N THR A 601 -9.81 4.40 38.11
CA THR A 601 -9.51 4.16 39.54
C THR A 601 -9.20 2.67 39.69
N THR A 602 -9.35 1.91 38.61
CA THR A 602 -9.37 0.44 38.60
C THR A 602 -8.27 -0.15 37.71
N LYS A 603 -7.66 0.63 36.80
CA LYS A 603 -6.56 0.11 35.93
C LYS A 603 -5.51 1.18 35.66
N TYR A 604 -4.27 0.72 35.45
CA TYR A 604 -3.05 1.55 35.36
C TYR A 604 -2.22 1.01 34.19
N ARG A 605 -1.37 1.85 33.59
CA ARG A 605 -0.41 1.37 32.57
C ARG A 605 0.92 1.07 33.26
N ILE A 606 1.42 -0.14 33.07
CA ILE A 606 2.83 -0.47 33.45
C ILE A 606 3.61 -0.36 32.13
N ILE A 607 4.70 0.40 32.17
CA ILE A 607 5.57 0.71 31.00
C ILE A 607 7.00 0.28 31.32
N PHE A 608 7.63 -0.48 30.43
CA PHE A 608 9.04 -0.90 30.58
C PHE A 608 9.66 -1.14 29.21
N LYS A 609 10.98 -1.21 29.17
CA LYS A 609 11.75 -1.38 27.92
C LYS A 609 11.91 -2.89 27.70
N ALA A 610 11.31 -3.45 26.64
CA ALA A 610 11.54 -4.85 26.27
C ALA A 610 12.78 -4.91 25.36
N ARG A 611 13.70 -5.81 25.64
CA ARG A 611 14.84 -6.11 24.74
C ARG A 611 14.56 -7.46 24.07
N VAL A 612 14.41 -7.48 22.75
CA VAL A 612 13.96 -8.68 22.02
C VAL A 612 14.97 -9.06 20.94
N PRO A 613 15.32 -10.35 20.83
CA PRO A 613 16.29 -10.80 19.82
C PRO A 613 15.82 -10.54 18.39
N PRO A 614 16.71 -10.60 17.38
CA PRO A 614 16.31 -10.50 15.98
C PRO A 614 15.32 -11.63 15.69
N MET A 615 14.17 -11.29 15.09
CA MET A 615 13.15 -12.30 14.68
C MET A 615 12.90 -13.25 15.86
N GLY A 616 12.77 -12.68 17.07
CA GLY A 616 12.76 -13.49 18.30
C GLY A 616 11.75 -13.03 19.32
N LEU A 617 11.84 -13.65 20.50
CA LEU A 617 10.85 -13.49 21.59
C LEU A 617 11.60 -13.27 22.91
N ALA A 618 11.01 -12.49 23.81
CA ALA A 618 11.51 -12.23 25.18
C ALA A 618 10.32 -12.30 26.15
N THR A 619 10.48 -13.05 27.23
CA THR A 619 9.47 -13.23 28.30
C THR A 619 9.78 -12.29 29.47
N TYR A 620 8.77 -11.60 29.96
CA TYR A 620 8.91 -10.83 31.21
C TYR A 620 7.78 -11.24 32.16
N VAL A 621 7.88 -10.80 33.42
CA VAL A 621 6.94 -11.17 34.51
C VAL A 621 6.47 -9.87 35.18
N LEU A 622 5.17 -9.68 35.28
CA LEU A 622 4.57 -8.57 36.05
C LEU A 622 4.09 -9.16 37.38
N THR A 623 4.52 -8.57 38.49
CA THR A 623 4.30 -9.07 39.88
C THR A 623 3.74 -7.94 40.77
N ILE A 624 2.64 -8.20 41.48
CA ILE A 624 2.01 -7.25 42.45
C ILE A 624 2.81 -7.25 43.75
N SER A 625 2.76 -6.14 44.50
CA SER A 625 3.28 -6.02 45.89
C SER A 625 2.30 -5.20 46.75
N ASP A 626 2.60 -5.09 48.06
CA ASP A 626 1.91 -4.22 49.06
C ASP A 626 1.85 -2.79 48.55
N SER A 627 3.01 -2.27 48.14
CA SER A 627 3.29 -0.83 47.95
C SER A 627 4.41 -0.66 46.91
N LYS A 628 4.89 0.58 46.76
CA LYS A 628 5.87 1.01 45.73
C LYS A 628 7.07 0.06 45.73
N PRO A 629 7.26 -0.69 44.63
CA PRO A 629 8.41 -1.57 44.49
C PRO A 629 9.67 -0.74 44.24
N GLU A 630 10.84 -1.34 44.36
CA GLU A 630 12.16 -0.65 44.25
C GLU A 630 12.34 -0.04 42.85
N HIS A 631 11.87 -0.70 41.79
CA HIS A 631 12.30 -0.40 40.39
C HIS A 631 11.18 0.14 39.51
N THR A 632 10.06 0.54 40.11
CA THR A 632 8.89 1.11 39.41
C THR A 632 8.75 2.57 39.88
N SER A 633 8.80 3.52 38.95
CA SER A 633 8.55 4.96 39.17
C SER A 633 7.09 5.25 38.85
N TYR A 634 6.59 6.40 39.27
CA TYR A 634 5.19 6.87 39.05
C TYR A 634 5.28 8.22 38.38
N ALA A 635 4.39 8.42 37.41
CA ALA A 635 4.29 9.66 36.62
C ALA A 635 3.47 10.68 37.40
N SER A 636 3.84 11.96 37.28
CA SER A 636 2.99 13.08 37.71
C SER A 636 2.01 13.36 36.58
N ASN A 637 0.89 13.97 36.92
CA ASN A 637 -0.18 14.34 35.98
C ASN A 637 -0.51 15.80 36.27
N LEU A 638 -0.46 16.63 35.23
CA LEU A 638 -0.82 18.06 35.29
C LEU A 638 -1.99 18.28 34.33
N LEU A 639 -3.14 18.72 34.88
CA LEU A 639 -4.36 19.00 34.10
C LEU A 639 -4.52 20.52 33.98
N LEU A 640 -4.24 21.11 32.81
CA LEU A 640 -4.31 22.59 32.57
C LEU A 640 -5.71 22.94 32.03
N ARG A 641 -6.45 23.80 32.76
CA ARG A 641 -7.76 24.40 32.35
C ARG A 641 -8.14 25.49 33.36
N LEU A 647 -10.19 15.07 40.13
CA LEU A 647 -10.00 13.79 39.40
C LEU A 647 -9.25 12.79 40.30
N PRO A 648 -9.97 11.79 40.88
CA PRO A 648 -9.32 10.71 41.63
C PRO A 648 -8.70 9.67 40.68
N LEU A 649 -7.74 8.86 41.17
CA LEU A 649 -7.03 7.79 40.42
C LEU A 649 -6.87 6.52 41.27
N GLY A 650 -7.85 6.22 42.13
CA GLY A 650 -7.86 5.03 43.00
C GLY A 650 -6.60 4.97 43.86
N GLN A 651 -5.81 3.90 43.72
CA GLN A 651 -4.59 3.65 44.54
C GLN A 651 -3.35 4.30 43.90
N TYR A 652 -3.49 5.04 42.79
CA TYR A 652 -2.35 5.73 42.13
C TYR A 652 -1.73 6.69 43.13
N PRO A 653 -0.44 6.49 43.49
CA PRO A 653 0.13 7.17 44.66
C PRO A 653 0.56 8.64 44.47
N GLU A 654 0.42 9.22 43.27
CA GLU A 654 0.72 10.66 43.01
C GLU A 654 -0.60 11.36 42.66
N ASP A 655 -1.02 12.34 43.43
CA ASP A 655 -2.30 13.08 43.16
C ASP A 655 -2.12 13.95 41.92
N VAL A 656 -3.17 14.13 41.14
CA VAL A 656 -3.19 15.00 39.94
C VAL A 656 -3.05 16.48 40.36
N LYS A 657 -1.99 17.15 39.91
CA LYS A 657 -1.81 18.63 40.01
C LYS A 657 -2.70 19.33 38.96
N PHE A 658 -3.06 20.58 39.23
CA PHE A 658 -3.98 21.43 38.42
C PHE A 658 -3.36 22.81 38.22
N GLY A 659 -3.87 23.58 37.25
CA GLY A 659 -3.23 24.83 36.82
C GLY A 659 -3.94 25.50 35.65
N ASP A 660 -3.55 26.75 35.38
CA ASP A 660 -4.11 27.54 34.25
C ASP A 660 -3.37 27.13 32.98
N PRO A 661 -4.04 27.22 31.81
CA PRO A 661 -3.36 27.06 30.54
C PRO A 661 -2.04 27.85 30.57
N ARG A 662 -0.95 27.23 30.11
CA ARG A 662 0.39 27.85 30.03
C ARG A 662 1.30 27.00 29.15
N GLU A 663 2.39 27.60 28.64
CA GLU A 663 3.46 26.88 27.89
C GLU A 663 4.14 25.87 28.81
N ILE A 664 4.75 24.83 28.23
CA ILE A 664 5.46 23.73 28.96
C ILE A 664 6.59 23.21 28.07
N SER A 665 7.63 22.70 28.71
CA SER A 665 8.83 22.13 28.08
C SER A 665 9.03 20.76 28.73
N LEU A 666 9.18 19.69 27.94
CA LEU A 666 9.40 18.34 28.48
C LEU A 666 10.65 17.77 27.84
N ARG A 667 11.41 16.99 28.59
CA ARG A 667 12.52 16.18 28.04
C ARG A 667 12.44 14.79 28.67
N VAL A 668 12.54 13.73 27.87
CA VAL A 668 12.69 12.36 28.40
C VAL A 668 14.10 11.87 28.05
N GLY A 669 14.77 11.22 28.99
CA GLY A 669 16.15 10.74 28.81
C GLY A 669 17.05 11.82 28.25
N ASN A 670 18.07 11.42 27.46
CA ASN A 670 19.03 12.33 26.78
C ASN A 670 18.40 12.98 25.55
N GLY A 671 17.22 12.48 25.13
CA GLY A 671 16.53 12.77 23.85
C GLY A 671 16.14 14.24 23.75
N PRO A 672 15.27 14.65 22.79
CA PRO A 672 15.06 16.07 22.54
C PRO A 672 14.21 16.71 23.64
N THR A 673 14.28 18.02 23.71
CA THR A 673 13.43 18.87 24.58
C THR A 673 12.39 19.49 23.68
N LEU A 674 11.12 19.33 24.03
CA LEU A 674 9.99 19.80 23.21
C LEU A 674 9.28 20.87 24.00
N ALA A 675 9.00 22.00 23.37
CA ALA A 675 8.19 23.08 23.96
C ALA A 675 6.81 23.04 23.31
N PHE A 676 5.76 23.25 24.10
CA PHE A 676 4.34 23.23 23.68
C PHE A 676 3.72 24.58 23.98
N SER A 677 2.84 25.03 23.07
CA SER A 677 1.95 26.20 23.23
C SER A 677 1.00 25.93 24.40
N GLU A 678 0.25 26.94 24.82
CA GLU A 678 -0.73 26.82 25.93
C GLU A 678 -1.99 26.08 25.45
N GLN A 679 -2.01 25.64 24.18
CA GLN A 679 -3.08 24.76 23.61
C GLN A 679 -2.55 23.35 23.38
N GLY A 680 -1.34 23.06 23.82
CA GLY A 680 -0.82 21.68 23.89
C GLY A 680 -0.31 21.19 22.54
N LEU A 681 0.03 22.12 21.66
CA LEU A 681 0.59 21.88 20.31
C LEU A 681 2.07 22.26 20.32
N LEU A 682 2.90 21.37 19.79
CA LEU A 682 4.35 21.57 19.63
C LEU A 682 4.62 22.96 19.04
N LYS A 683 5.61 23.67 19.57
CA LYS A 683 6.06 24.99 19.04
C LYS A 683 7.55 24.93 18.71
N SER A 684 8.34 24.08 19.37
CA SER A 684 9.80 23.98 19.11
C SER A 684 10.38 22.68 19.65
N ILE A 685 11.51 22.32 19.07
CA ILE A 685 12.33 21.12 19.35
C ILE A 685 13.77 21.59 19.51
N GLN A 686 14.40 21.21 20.63
CA GLN A 686 15.85 21.36 20.87
C GLN A 686 16.44 19.95 20.87
N LEU A 687 17.26 19.63 19.89
CA LEU A 687 17.82 18.27 19.69
C LEU A 687 18.73 17.88 20.86
N THR A 688 19.69 18.75 21.21
CA THR A 688 20.75 18.51 22.24
C THR A 688 20.79 19.71 23.19
N GLN A 689 21.46 19.54 24.33
CA GLN A 689 21.50 20.55 25.41
C GLN A 689 22.04 21.87 24.87
N ASP A 690 23.04 21.81 23.98
CA ASP A 690 23.82 22.99 23.50
C ASP A 690 23.38 23.40 22.07
N SER A 691 22.13 23.08 21.66
CA SER A 691 21.61 23.41 20.30
C SER A 691 20.40 24.33 20.41
N PRO A 692 20.03 25.03 19.31
CA PRO A 692 18.94 25.99 19.35
C PRO A 692 17.54 25.36 19.53
N HIS A 693 16.60 26.19 19.96
CA HIS A 693 15.14 25.91 20.06
C HIS A 693 14.53 26.12 18.67
N VAL A 694 14.49 25.07 17.83
CA VAL A 694 14.07 25.15 16.40
C VAL A 694 12.54 25.24 16.37
N PRO A 695 11.94 26.31 15.79
CA PRO A 695 10.49 26.44 15.71
C PRO A 695 9.92 25.29 14.86
N VAL A 696 8.95 24.56 15.41
CA VAL A 696 8.17 23.48 14.73
C VAL A 696 6.78 23.54 15.34
N HIS A 697 5.85 24.19 14.65
CA HIS A 697 4.47 24.45 15.12
C HIS A 697 3.57 23.44 14.42
N PHE A 698 2.85 22.64 15.20
CA PHE A 698 1.65 21.89 14.75
C PHE A 698 0.47 22.86 14.76
N LYS A 699 -0.40 22.74 13.75
CA LYS A 699 -1.65 23.52 13.60
C LYS A 699 -2.67 22.67 12.84
N PHE A 700 -3.93 22.74 13.25
CA PHE A 700 -5.05 22.06 12.55
C PHE A 700 -5.77 23.12 11.71
N LEU A 701 -6.03 22.81 10.43
CA LEU A 701 -6.83 23.66 9.52
C LEU A 701 -7.92 22.81 8.86
N LYS A 702 -8.78 23.45 8.10
CA LYS A 702 -9.94 22.83 7.42
C LYS A 702 -9.97 23.30 5.96
N TYR A 703 -10.29 22.37 5.07
CA TYR A 703 -10.61 22.66 3.66
C TYR A 703 -12.13 22.50 3.52
N GLY A 704 -12.72 23.30 2.62
CA GLY A 704 -14.14 23.21 2.29
C GLY A 704 -14.37 22.66 0.88
N VAL A 705 -15.63 22.67 0.46
CA VAL A 705 -16.13 22.10 -0.82
C VAL A 705 -16.63 23.29 -1.65
N ARG A 706 -16.42 23.27 -2.96
CA ARG A 706 -16.89 24.34 -3.87
C ARG A 706 -18.43 24.38 -3.82
N SER A 707 -18.98 25.58 -3.70
CA SER A 707 -20.43 25.88 -3.78
C SER A 707 -20.91 25.72 -5.23
N HIS A 708 -20.17 26.24 -6.21
CA HIS A 708 -20.47 26.22 -7.67
C HIS A 708 -19.37 25.45 -8.40
N GLY A 709 -19.74 24.70 -9.44
CA GLY A 709 -18.81 23.86 -10.20
C GLY A 709 -18.52 22.57 -9.47
N ASP A 710 -17.34 21.99 -9.66
CA ASP A 710 -17.10 20.56 -9.34
C ASP A 710 -16.96 20.37 -7.83
N ARG A 711 -17.66 19.36 -7.31
CA ARG A 711 -17.69 18.93 -5.90
C ARG A 711 -16.62 17.85 -5.66
N SER A 712 -15.80 18.03 -4.62
CA SER A 712 -15.03 16.96 -3.95
C SER A 712 -15.93 15.76 -3.65
N GLY A 713 -15.40 14.54 -3.79
CA GLY A 713 -16.06 13.27 -3.45
C GLY A 713 -15.05 12.24 -2.96
N ALA A 714 -15.37 10.95 -2.98
CA ALA A 714 -14.44 9.87 -2.56
C ALA A 714 -13.12 9.96 -3.34
N TYR A 715 -13.17 10.34 -4.61
CA TYR A 715 -11.98 10.39 -5.50
C TYR A 715 -11.32 11.76 -5.51
N LEU A 716 -12.11 12.80 -5.80
CA LEU A 716 -11.59 14.14 -6.18
C LEU A 716 -11.43 15.01 -4.93
N PHE A 717 -10.35 15.77 -4.91
CA PHE A 717 -10.07 16.86 -3.94
C PHE A 717 -10.15 18.18 -4.71
N LEU A 718 -11.25 18.90 -4.50
CA LEU A 718 -11.59 20.18 -5.17
C LEU A 718 -11.85 21.20 -4.08
N PRO A 719 -10.80 21.66 -3.37
CA PRO A 719 -10.96 22.59 -2.24
C PRO A 719 -11.44 23.96 -2.74
N ASN A 720 -12.29 24.64 -1.95
CA ASN A 720 -12.75 26.02 -2.19
C ASN A 720 -11.70 27.03 -1.68
N GLY A 721 -10.44 26.89 -2.09
CA GLY A 721 -9.32 27.77 -1.69
C GLY A 721 -8.47 27.19 -0.55
N PRO A 722 -7.38 27.90 -0.16
CA PRO A 722 -6.49 27.49 0.93
C PRO A 722 -7.23 27.14 2.22
N ALA A 723 -6.62 26.32 3.08
CA ALA A 723 -7.23 25.83 4.32
C ALA A 723 -7.32 26.98 5.33
N SER A 724 -8.32 26.92 6.22
CA SER A 724 -8.63 27.89 7.30
C SER A 724 -8.30 27.29 8.66
N PRO A 725 -7.67 28.04 9.59
CA PRO A 725 -7.49 27.57 10.97
C PRO A 725 -8.81 27.12 11.63
N VAL A 726 -8.71 26.03 12.39
CA VAL A 726 -9.80 25.48 13.27
C VAL A 726 -9.72 26.27 14.57
N GLU A 727 -10.83 26.83 15.03
CA GLU A 727 -10.90 27.52 16.35
C GLU A 727 -10.76 26.43 17.43
N LEU A 728 -9.71 26.52 18.25
CA LEU A 728 -9.35 25.52 19.27
C LEU A 728 -10.07 25.81 20.60
N GLY A 729 -10.54 27.06 20.78
CA GLY A 729 -11.18 27.56 22.02
C GLY A 729 -10.18 27.62 23.18
N GLN A 730 -10.66 27.29 24.38
CA GLN A 730 -9.80 27.00 25.57
C GLN A 730 -9.91 25.49 25.81
N PRO A 731 -9.05 24.69 25.15
CA PRO A 731 -9.09 23.24 25.32
C PRO A 731 -8.33 22.84 26.59
N VAL A 732 -8.71 21.69 27.16
CA VAL A 732 -8.07 21.05 28.31
C VAL A 732 -6.80 20.33 27.85
N VAL A 733 -5.65 20.65 28.45
CA VAL A 733 -4.34 20.03 28.14
C VAL A 733 -3.97 19.13 29.32
N LEU A 734 -3.73 17.86 29.04
CA LEU A 734 -3.25 16.85 30.01
C LEU A 734 -1.75 16.63 29.79
N VAL A 735 -0.96 16.81 30.83
CA VAL A 735 0.52 16.63 30.80
C VAL A 735 0.85 15.51 31.77
N THR A 736 1.39 14.41 31.26
CA THR A 736 1.86 13.26 32.06
C THR A 736 3.38 13.25 31.94
N LYS A 737 4.11 13.22 33.05
CA LYS A 737 5.59 13.30 33.04
C LYS A 737 6.17 12.11 33.82
N GLY A 738 7.06 11.34 33.18
CA GLY A 738 7.72 10.21 33.84
C GLY A 738 9.15 10.05 33.36
N LYS A 739 9.88 9.19 34.03
CA LYS A 739 11.29 8.83 33.74
C LYS A 739 11.39 8.17 32.36
N LEU A 740 10.42 7.33 31.98
CA LEU A 740 10.50 6.51 30.74
C LEU A 740 9.63 7.09 29.64
N GLU A 741 8.50 7.69 29.98
CA GLU A 741 7.53 8.19 29.00
C GLU A 741 6.77 9.40 29.57
N SER A 742 6.74 10.48 28.79
CA SER A 742 5.89 11.66 29.07
C SER A 742 5.08 11.92 27.80
N SER A 743 4.02 12.69 27.94
CA SER A 743 3.08 13.01 26.84
C SER A 743 2.28 14.26 27.21
N VAL A 744 1.97 15.07 26.20
CA VAL A 744 0.97 16.15 26.20
C VAL A 744 -0.20 15.72 25.32
N SER A 745 -1.40 15.74 25.87
CA SER A 745 -2.67 15.45 25.18
C SER A 745 -3.58 16.66 25.30
N VAL A 746 -4.28 17.00 24.22
CA VAL A 746 -5.32 18.05 24.25
C VAL A 746 -6.55 17.57 23.48
N GLY A 747 -7.73 17.90 24.00
CA GLY A 747 -9.04 17.63 23.38
C GLY A 747 -9.44 18.79 22.49
N LEU A 748 -9.08 18.76 21.20
CA LEU A 748 -9.44 19.82 20.24
C LEU A 748 -10.76 19.42 19.60
N PRO A 749 -11.47 20.33 18.91
CA PRO A 749 -12.70 19.97 18.21
C PRO A 749 -12.29 19.05 17.05
N SER A 750 -12.78 17.81 17.07
CA SER A 750 -12.62 16.74 16.04
C SER A 750 -11.36 15.87 16.28
N VAL A 751 -10.43 16.29 17.14
CA VAL A 751 -9.12 15.59 17.30
C VAL A 751 -8.70 15.61 18.77
N VAL A 752 -8.49 14.43 19.37
CA VAL A 752 -7.64 14.34 20.59
C VAL A 752 -6.21 14.17 20.07
N HIS A 753 -5.41 15.22 20.26
CA HIS A 753 -4.01 15.35 19.80
C HIS A 753 -3.09 14.94 20.94
N GLN A 754 -2.08 14.12 20.66
CA GLN A 754 -1.14 13.63 21.69
C GLN A 754 0.27 13.59 21.13
N THR A 755 1.22 14.14 21.89
CA THR A 755 2.67 14.05 21.67
C THR A 755 3.26 13.19 22.78
N ILE A 756 3.89 12.08 22.41
CA ILE A 756 4.45 11.10 23.37
C ILE A 756 5.96 11.17 23.21
N MET A 757 6.67 11.21 24.33
CA MET A 757 8.14 11.27 24.37
C MET A 757 8.68 10.07 25.11
N ARG A 758 9.63 9.38 24.49
CA ARG A 758 10.26 8.19 25.09
C ARG A 758 11.79 8.29 24.99
N GLY A 759 12.32 9.45 24.60
CA GLY A 759 13.79 9.66 24.54
C GLY A 759 14.34 9.74 23.13
N GLY A 760 13.55 9.58 22.08
CA GLY A 760 14.02 9.88 20.72
C GLY A 760 13.06 10.81 20.01
N ALA A 761 12.88 10.59 18.70
CA ALA A 761 11.82 11.28 17.93
C ALA A 761 10.49 11.07 18.65
N PRO A 762 9.69 12.12 18.91
CA PRO A 762 8.37 11.94 19.51
C PRO A 762 7.38 11.18 18.60
N GLU A 763 6.34 10.63 19.21
CA GLU A 763 5.22 9.94 18.52
C GLU A 763 4.02 10.84 18.65
N ILE A 764 3.34 11.09 17.54
CA ILE A 764 2.08 11.89 17.50
C ILE A 764 0.93 10.91 17.33
N ARG A 765 -0.13 11.03 18.16
CA ARG A 765 -1.39 10.29 17.95
C ARG A 765 -2.54 11.28 17.85
N ASN A 766 -3.33 11.17 16.78
CA ASN A 766 -4.59 11.92 16.60
C ASN A 766 -5.74 10.92 16.64
N LEU A 767 -6.63 11.04 17.63
CA LEU A 767 -7.94 10.35 17.58
C LEU A 767 -8.89 11.28 16.80
N VAL A 768 -9.23 10.93 15.57
CA VAL A 768 -9.92 11.85 14.63
C VAL A 768 -11.39 11.45 14.56
N ASP A 769 -12.27 12.30 15.07
CA ASP A 769 -13.74 12.10 14.99
C ASP A 769 -14.33 13.30 14.27
N ILE A 770 -14.45 13.21 12.94
CA ILE A 770 -14.91 14.32 12.05
C ILE A 770 -16.42 14.50 12.23
N GLY A 771 -17.10 13.54 12.85
CA GLY A 771 -18.44 13.72 13.44
C GLY A 771 -19.49 14.06 12.41
N SER A 772 -20.05 15.27 12.47
CA SER A 772 -21.14 15.73 11.57
C SER A 772 -20.68 16.93 10.71
N LEU A 773 -19.39 17.26 10.72
CA LEU A 773 -18.78 18.40 9.96
C LEU A 773 -18.89 18.10 8.46
N ASP A 774 -20.08 18.27 7.86
CA ASP A 774 -20.30 17.98 6.42
C ASP A 774 -19.40 18.90 5.59
N ASN A 775 -18.96 18.43 4.41
CA ASN A 775 -18.12 19.18 3.44
C ASN A 775 -16.89 19.78 4.14
N THR A 776 -16.22 18.98 4.96
CA THR A 776 -14.98 19.35 5.68
C THR A 776 -13.89 18.30 5.45
N GLU A 777 -12.68 18.78 5.18
CA GLU A 777 -11.42 18.00 5.23
C GLU A 777 -10.52 18.63 6.31
N ILE A 778 -10.16 17.85 7.33
CA ILE A 778 -9.25 18.26 8.42
C ILE A 778 -7.81 17.91 8.08
N VAL A 779 -6.94 18.92 8.11
CA VAL A 779 -5.50 18.79 7.76
C VAL A 779 -4.65 19.12 8.98
N MET A 780 -3.54 18.40 9.15
CA MET A 780 -2.53 18.69 10.20
C MET A 780 -1.32 19.28 9.50
N ARG A 781 -0.93 20.51 9.85
CA ARG A 781 0.21 21.22 9.21
C ARG A 781 1.34 21.40 10.21
N LEU A 782 2.59 21.22 9.76
CA LEU A 782 3.80 21.60 10.50
C LEU A 782 4.33 22.88 9.84
N GLU A 783 4.79 23.86 10.63
CA GLU A 783 5.37 25.13 10.14
C GLU A 783 6.77 25.28 10.73
N THR A 784 7.76 25.42 9.85
CA THR A 784 9.17 25.56 10.22
C THR A 784 9.76 26.77 9.48
N HIS A 785 11.01 27.10 9.78
CA HIS A 785 11.82 28.09 9.03
C HIS A 785 12.80 27.29 8.18
N ILE A 786 12.56 25.98 7.95
CA ILE A 786 13.41 25.20 7.00
C ILE A 786 13.22 25.84 5.63
N ASP A 787 14.33 26.08 4.91
CA ASP A 787 14.34 26.86 3.63
C ASP A 787 14.17 25.86 2.48
N SER A 788 13.04 25.14 2.49
CA SER A 788 12.75 24.03 1.54
C SER A 788 12.50 24.60 0.14
N GLY A 789 11.87 25.77 0.09
CA GLY A 789 11.42 26.43 -1.15
C GLY A 789 10.20 25.73 -1.71
N ASP A 790 10.36 25.10 -2.87
CA ASP A 790 9.26 24.39 -3.57
C ASP A 790 9.54 22.89 -3.54
N ILE A 791 10.62 22.45 -2.89
CA ILE A 791 11.02 21.02 -2.85
C ILE A 791 10.42 20.35 -1.60
N PHE A 792 9.85 19.16 -1.79
CA PHE A 792 9.52 18.23 -0.68
C PHE A 792 9.67 16.81 -1.22
N TYR A 793 9.67 15.85 -0.30
CA TYR A 793 9.84 14.41 -0.61
C TYR A 793 8.67 13.66 0.01
N THR A 794 8.14 12.71 -0.75
CA THR A 794 7.05 11.78 -0.34
C THR A 794 7.49 10.39 -0.79
N ASP A 795 7.01 9.36 -0.11
CA ASP A 795 7.38 7.97 -0.47
C ASP A 795 6.36 7.39 -1.45
N LEU A 796 6.79 6.34 -2.12
CA LEU A 796 5.92 5.53 -2.99
C LEU A 796 5.87 4.14 -2.37
N ASN A 797 4.71 3.81 -1.82
CA ASN A 797 4.35 2.46 -1.37
C ASN A 797 5.32 2.02 -0.25
N GLY A 798 5.88 2.96 0.51
CA GLY A 798 6.79 2.63 1.62
C GLY A 798 8.10 2.02 1.14
N LEU A 799 8.45 2.19 -0.14
CA LEU A 799 9.65 1.57 -0.77
C LEU A 799 10.76 2.61 -1.05
N GLN A 800 10.38 3.80 -1.47
CA GLN A 800 11.30 4.82 -2.03
C GLN A 800 10.71 6.19 -1.77
N PHE A 801 11.59 7.19 -1.62
CA PHE A 801 11.22 8.60 -1.48
C PHE A 801 11.53 9.30 -2.79
N ILE A 802 10.52 10.01 -3.30
CA ILE A 802 10.59 10.71 -4.61
C ILE A 802 10.56 12.22 -4.37
N LYS A 803 11.43 12.95 -5.07
CA LYS A 803 11.45 14.43 -5.00
C LYS A 803 10.17 14.95 -5.65
N ARG A 804 9.43 15.81 -4.95
CA ARG A 804 8.31 16.60 -5.49
C ARG A 804 8.74 18.07 -5.62
N ARG A 805 8.22 18.76 -6.64
CA ARG A 805 8.32 20.24 -6.74
C ARG A 805 6.91 20.79 -6.74
N ARG A 806 6.60 21.67 -5.77
N ARG A 806 6.58 21.60 -5.73
CA ARG A 806 5.32 22.42 -5.69
CA ARG A 806 5.37 22.42 -5.72
C ARG A 806 5.23 23.38 -6.88
C ARG A 806 5.35 23.18 -7.06
N LEU A 807 4.17 23.26 -7.70
CA LEU A 807 4.00 24.02 -8.98
C LEU A 807 2.81 24.95 -8.82
N ASP A 808 3.07 26.26 -8.72
CA ASP A 808 2.03 27.32 -8.58
C ASP A 808 1.17 27.36 -9.86
N LYS A 809 1.72 26.92 -10.98
CA LYS A 809 0.95 26.83 -12.27
C LYS A 809 -0.13 25.74 -12.16
N LEU A 810 -0.03 24.81 -11.21
CA LEU A 810 -1.10 23.80 -10.97
C LEU A 810 -1.91 24.20 -9.75
N PRO A 811 -3.21 23.83 -9.72
CA PRO A 811 -4.05 24.10 -8.57
C PRO A 811 -3.61 23.31 -7.34
N LEU A 812 -4.12 23.74 -6.19
CA LEU A 812 -3.72 23.23 -4.85
C LEU A 812 -3.74 21.69 -4.87
N GLN A 813 -4.91 21.11 -5.19
CA GLN A 813 -5.18 19.63 -5.19
C GLN A 813 -4.18 18.86 -6.06
N ALA A 814 -3.52 19.50 -7.03
CA ALA A 814 -2.49 18.87 -7.90
C ALA A 814 -1.17 18.78 -7.15
N ASN A 815 -0.97 19.60 -6.11
CA ASN A 815 0.29 19.58 -5.32
C ASN A 815 0.13 18.60 -4.13
N TYR A 816 -1.05 17.98 -3.97
CA TYR A 816 -1.29 16.85 -3.04
C TYR A 816 -0.79 15.55 -3.68
N TYR A 817 -0.02 14.80 -2.89
CA TYR A 817 0.56 13.48 -3.26
C TYR A 817 0.22 12.43 -2.22
N PRO A 818 0.29 11.13 -2.60
CA PRO A 818 0.17 10.08 -1.61
C PRO A 818 1.28 10.21 -0.57
N ILE A 819 0.92 10.00 0.70
CA ILE A 819 1.87 9.84 1.83
C ILE A 819 1.62 8.46 2.42
N PRO A 820 2.00 7.39 1.68
CA PRO A 820 1.80 6.05 2.19
C PRO A 820 2.62 5.71 3.45
N SER A 821 3.81 6.28 3.67
CA SER A 821 4.59 6.00 4.90
C SER A 821 5.43 7.20 5.38
N GLY A 822 5.63 8.25 4.57
CA GLY A 822 6.39 9.41 5.07
C GLY A 822 6.58 10.53 4.07
N MET A 823 6.99 11.67 4.62
CA MET A 823 7.25 12.90 3.83
C MET A 823 8.31 13.69 4.58
N PHE A 824 9.12 14.46 3.86
CA PHE A 824 10.17 15.32 4.46
C PHE A 824 10.48 16.52 3.56
N ILE A 825 10.92 17.56 4.27
CA ILE A 825 11.46 18.85 3.72
C ILE A 825 12.85 19.04 4.31
N GLU A 826 13.69 19.75 3.59
CA GLU A 826 15.05 20.04 4.09
C GLU A 826 15.65 21.26 3.38
N ASP A 827 16.64 21.87 4.06
CA ASP A 827 17.57 22.85 3.46
C ASP A 827 18.99 22.29 3.58
N ALA A 828 20.02 23.15 3.53
CA ALA A 828 21.42 22.71 3.58
C ALA A 828 21.69 22.10 4.95
N ASN A 829 21.00 22.55 5.99
CA ASN A 829 21.38 22.24 7.41
C ASN A 829 20.41 21.27 8.09
N THR A 830 19.10 21.45 7.88
CA THR A 830 18.01 20.88 8.70
C THR A 830 17.05 20.07 7.83
N ARG A 831 16.65 18.87 8.29
CA ARG A 831 15.51 18.09 7.71
C ARG A 831 14.45 17.84 8.80
N LEU A 832 13.18 17.94 8.40
CA LEU A 832 12.04 17.46 9.20
C LEU A 832 11.32 16.38 8.40
N THR A 833 11.20 15.20 8.98
CA THR A 833 10.54 14.01 8.38
C THR A 833 9.32 13.67 9.23
N LEU A 834 8.16 13.50 8.60
CA LEU A 834 6.97 12.98 9.28
C LEU A 834 6.71 11.55 8.76
N LEU A 835 6.82 10.55 9.64
CA LEU A 835 6.54 9.11 9.30
C LEU A 835 5.10 8.82 9.73
N THR A 836 4.38 8.02 8.94
CA THR A 836 2.94 7.73 9.17
C THR A 836 2.74 6.22 9.40
N GLY A 837 1.76 5.89 10.22
CA GLY A 837 1.31 4.50 10.46
C GLY A 837 0.18 4.12 9.51
N GLN A 838 -0.17 5.01 8.59
CA GLN A 838 -1.32 4.85 7.69
C GLN A 838 -1.15 5.75 6.48
N PRO A 839 -1.63 5.33 5.30
CA PRO A 839 -1.55 6.16 4.12
C PRO A 839 -2.57 7.28 4.16
N LEU A 840 -2.10 8.51 3.91
CA LEU A 840 -2.95 9.72 3.90
C LEU A 840 -2.44 10.63 2.79
N GLY A 841 -3.20 11.64 2.42
CA GLY A 841 -2.83 12.60 1.37
C GLY A 841 -2.10 13.77 1.99
N GLY A 842 -1.09 14.35 1.32
CA GLY A 842 -0.36 15.50 1.87
C GLY A 842 0.45 16.28 0.85
N SER A 843 1.14 17.33 1.32
CA SER A 843 1.90 18.27 0.48
C SER A 843 2.85 19.11 1.35
N SER A 844 3.69 19.93 0.69
CA SER A 844 4.38 21.11 1.25
C SER A 844 3.90 22.29 0.40
N LEU A 845 2.84 22.98 0.84
CA LEU A 845 2.24 24.07 0.06
C LEU A 845 3.00 25.40 0.26
N ALA A 846 4.10 25.45 1.02
CA ALA A 846 4.95 26.66 1.19
C ALA A 846 6.29 26.25 1.82
N SER A 847 7.34 27.02 1.56
CA SER A 847 8.69 26.80 2.17
C SER A 847 8.49 26.48 3.66
N GLY A 848 9.17 25.43 4.13
CA GLY A 848 9.22 24.98 5.53
C GLY A 848 7.91 24.42 6.08
N GLU A 849 6.96 24.03 5.24
CA GLU A 849 5.70 23.39 5.73
C GLU A 849 5.62 21.93 5.28
N LEU A 850 5.04 21.07 6.12
CA LEU A 850 4.44 19.77 5.69
C LEU A 850 2.98 19.79 6.09
N GLU A 851 2.10 19.10 5.36
CA GLU A 851 0.70 18.96 5.81
C GLU A 851 0.16 17.60 5.35
N ILE A 852 -0.78 17.05 6.09
CA ILE A 852 -1.29 15.66 5.88
C ILE A 852 -2.75 15.63 6.32
N MET A 853 -3.63 15.19 5.44
CA MET A 853 -5.08 15.15 5.72
C MET A 853 -5.38 14.02 6.70
N GLN A 854 -6.30 14.26 7.63
CA GLN A 854 -6.67 13.36 8.76
C GLN A 854 -7.98 12.64 8.40
N ASP A 855 -8.91 13.36 7.80
CA ASP A 855 -10.21 12.77 7.38
C ASP A 855 -10.98 13.78 6.55
N ARG A 856 -12.02 13.29 5.89
CA ARG A 856 -12.82 14.06 4.91
C ARG A 856 -14.24 13.51 4.96
N ARG A 857 -15.20 14.44 5.00
CA ARG A 857 -16.66 14.19 5.05
C ARG A 857 -17.31 15.03 3.96
N LEU A 858 -17.96 14.38 3.00
CA LEU A 858 -18.34 15.01 1.72
C LEU A 858 -19.78 14.60 1.42
N ALA A 859 -20.68 15.57 1.31
CA ALA A 859 -22.12 15.32 1.12
C ALA A 859 -22.33 14.86 -0.32
N SER A 860 -21.51 15.33 -1.25
CA SER A 860 -21.72 15.18 -2.73
C SER A 860 -20.95 13.99 -3.33
N ASP A 861 -21.53 13.40 -4.37
CA ASP A 861 -20.86 12.46 -5.31
C ASP A 861 -19.97 13.28 -6.24
N ASP A 862 -18.84 12.74 -6.70
CA ASP A 862 -17.89 13.46 -7.59
C ASP A 862 -17.96 12.88 -9.00
N GLU A 863 -19.00 12.11 -9.29
CA GLU A 863 -19.43 11.77 -10.67
C GLU A 863 -18.43 10.84 -11.34
N ARG A 864 -17.80 9.94 -10.56
CA ARG A 864 -16.94 8.86 -11.11
C ARG A 864 -17.62 7.51 -10.90
N GLY A 865 -18.92 7.49 -10.62
CA GLY A 865 -19.75 6.27 -10.65
C GLY A 865 -20.03 5.65 -9.29
N LEU A 866 -19.44 6.14 -8.21
CA LEU A 866 -19.73 5.61 -6.86
C LEU A 866 -21.17 5.97 -6.42
N GLY A 867 -21.72 7.10 -6.86
CA GLY A 867 -23.14 7.47 -6.62
C GLY A 867 -23.47 7.71 -5.15
N GLN A 868 -22.50 8.20 -4.37
CA GLN A 868 -22.71 8.65 -2.97
C GLN A 868 -21.52 9.55 -2.61
N GLY A 869 -21.66 10.31 -1.53
CA GLY A 869 -20.53 11.03 -0.93
C GLY A 869 -19.84 10.18 0.12
N VAL A 870 -19.11 10.81 1.01
CA VAL A 870 -18.37 10.12 2.09
C VAL A 870 -18.94 10.62 3.42
N LEU A 871 -19.90 9.88 3.96
CA LEU A 871 -20.70 10.30 5.14
C LEU A 871 -20.69 9.18 6.17
N ASP A 872 -19.78 8.22 6.01
CA ASP A 872 -19.68 7.01 6.88
C ASP A 872 -18.41 7.10 7.75
N ASN A 873 -17.91 8.31 8.00
CA ASN A 873 -16.70 8.52 8.85
C ASN A 873 -16.88 7.84 10.21
N LYS A 874 -15.78 7.36 10.77
CA LYS A 874 -15.74 6.83 12.15
C LYS A 874 -14.44 7.26 12.81
N PRO A 875 -14.41 7.29 14.16
CA PRO A 875 -13.18 7.61 14.89
C PRO A 875 -12.04 6.66 14.47
N VAL A 876 -10.89 7.25 14.16
CA VAL A 876 -9.66 6.49 13.81
C VAL A 876 -8.51 7.12 14.61
N LEU A 877 -7.62 6.27 15.14
CA LEU A 877 -6.37 6.71 15.78
C LEU A 877 -5.23 6.69 14.74
N HIS A 878 -4.83 7.85 14.24
CA HIS A 878 -3.65 8.05 13.35
C HIS A 878 -2.38 8.05 14.18
N ILE A 879 -1.30 7.45 13.70
CA ILE A 879 -0.01 7.39 14.44
C ILE A 879 1.11 7.90 13.55
N TYR A 880 2.05 8.65 14.15
CA TYR A 880 3.15 9.33 13.44
C TYR A 880 4.42 9.34 14.31
N ARG A 881 5.58 9.45 13.66
CA ARG A 881 6.85 9.85 14.34
C ARG A 881 7.36 11.14 13.67
N LEU A 882 7.94 12.05 14.45
CA LEU A 882 8.38 13.40 13.98
C LEU A 882 9.88 13.52 14.23
N VAL A 883 10.69 13.49 13.18
CA VAL A 883 12.17 13.44 13.27
C VAL A 883 12.73 14.77 12.74
N LEU A 884 13.21 15.62 13.65
CA LEU A 884 14.00 16.85 13.29
C LEU A 884 15.48 16.47 13.36
N GLU A 885 16.25 16.76 12.31
CA GLU A 885 17.65 16.29 12.21
C GLU A 885 18.54 17.35 11.53
N LYS A 886 19.84 17.31 11.85
CA LYS A 886 20.88 18.12 11.16
C LYS A 886 21.44 17.23 10.06
N VAL A 887 21.44 17.73 8.82
CA VAL A 887 21.87 16.92 7.63
C VAL A 887 23.12 17.54 6.97
N ASN A 888 23.65 18.65 7.50
CA ASN A 888 24.82 19.36 6.92
C ASN A 888 26.03 18.41 6.83
N ASN A 889 26.12 17.39 7.71
CA ASN A 889 27.22 16.40 7.67
C ASN A 889 26.75 15.08 7.07
N CYS A 890 25.62 15.10 6.36
CA CYS A 890 25.08 13.93 5.62
C CYS A 890 25.48 14.06 4.14
N VAL A 891 25.91 12.96 3.54
CA VAL A 891 26.12 12.81 2.06
C VAL A 891 24.74 12.74 1.40
N ARG A 892 24.27 13.87 0.86
CA ARG A 892 22.97 13.98 0.18
C ARG A 892 23.17 13.80 -1.32
N PRO A 893 22.15 13.27 -2.03
CA PRO A 893 22.18 13.22 -3.49
C PRO A 893 22.37 14.61 -4.13
N SER A 894 22.94 14.65 -5.34
CA SER A 894 22.99 15.84 -6.25
C SER A 894 21.64 16.55 -6.21
N GLU A 895 21.64 17.89 -6.35
CA GLU A 895 20.42 18.71 -6.52
C GLU A 895 19.66 18.26 -7.79
N LEU A 896 20.27 17.43 -8.67
CA LEU A 896 19.59 16.92 -9.90
C LEU A 896 19.01 15.51 -9.69
N HIS A 897 19.27 14.82 -8.56
CA HIS A 897 18.82 13.42 -8.34
C HIS A 897 17.32 13.45 -8.06
N PRO A 898 16.48 12.59 -8.69
CA PRO A 898 15.05 12.63 -8.43
C PRO A 898 14.60 11.90 -7.14
N ALA A 899 15.53 11.28 -6.38
CA ALA A 899 15.25 10.50 -5.16
C ALA A 899 15.79 11.26 -3.93
N GLY A 900 15.18 11.00 -2.78
CA GLY A 900 15.71 11.29 -1.43
C GLY A 900 15.82 9.99 -0.65
N TYR A 901 16.56 10.01 0.45
CA TYR A 901 16.79 8.83 1.32
C TYR A 901 16.64 9.25 2.77
N LEU A 902 16.02 8.39 3.58
CA LEU A 902 15.89 8.59 5.03
C LEU A 902 17.27 8.45 5.67
N THR A 903 17.41 9.09 6.82
CA THR A 903 18.41 8.80 7.87
C THR A 903 18.07 7.48 8.58
N SER A 904 19.10 6.84 9.14
CA SER A 904 18.96 5.77 10.16
C SER A 904 17.78 6.08 11.11
N ALA A 905 17.76 7.26 11.74
CA ALA A 905 16.77 7.62 12.77
C ALA A 905 15.32 7.60 12.19
N ALA A 906 15.12 8.16 11.00
CA ALA A 906 13.80 8.28 10.34
C ALA A 906 13.33 6.89 9.88
N HIS A 907 14.25 6.08 9.33
CA HIS A 907 13.99 4.69 8.95
C HIS A 907 13.55 3.88 10.17
N LYS A 908 14.27 3.97 11.29
CA LYS A 908 13.96 3.14 12.49
C LYS A 908 12.61 3.57 13.03
N ALA A 909 12.32 4.87 12.95
CA ALA A 909 11.04 5.48 13.35
C ALA A 909 9.88 4.92 12.49
N SER A 910 10.04 4.87 11.16
CA SER A 910 9.06 4.23 10.26
C SER A 910 8.89 2.77 10.72
N GLN A 911 9.96 2.04 11.01
CA GLN A 911 9.91 0.61 11.47
C GLN A 911 9.09 0.48 12.76
N SER A 912 9.31 1.41 13.71
N SER A 912 9.25 1.40 13.72
CA SER A 912 8.54 1.49 14.98
CA SER A 912 8.49 1.35 14.99
C SER A 912 7.04 1.52 14.66
C SER A 912 7.00 1.67 14.76
N LEU A 913 6.61 2.30 13.64
CA LEU A 913 5.16 2.49 13.33
C LEU A 913 4.60 1.24 12.62
N LEU A 914 5.31 0.71 11.64
CA LEU A 914 4.75 -0.33 10.72
C LEU A 914 4.90 -1.73 11.34
N ASP A 915 6.05 -2.02 11.97
CA ASP A 915 6.39 -3.35 12.54
C ASP A 915 6.84 -3.19 13.99
N PRO A 916 5.95 -2.75 14.89
CA PRO A 916 6.29 -2.69 16.30
C PRO A 916 6.48 -4.08 16.91
N LEU A 917 6.95 -4.14 18.14
CA LEU A 917 6.90 -5.38 18.96
C LEU A 917 5.44 -5.83 19.11
N ASP A 918 5.20 -7.12 19.00
CA ASP A 918 3.90 -7.75 19.31
C ASP A 918 3.91 -8.13 20.81
N LYS A 919 2.78 -7.95 21.50
CA LYS A 919 2.63 -8.21 22.94
C LYS A 919 1.65 -9.36 23.13
N PHE A 920 2.04 -10.34 23.94
CA PHE A 920 1.24 -11.53 24.29
C PHE A 920 1.16 -11.62 25.82
N ILE A 921 -0.07 -11.73 26.34
CA ILE A 921 -0.37 -11.96 27.78
C ILE A 921 -0.76 -13.43 27.91
N PHE A 922 -0.03 -14.21 28.71
CA PHE A 922 -0.37 -15.62 28.96
C PHE A 922 -1.77 -15.68 29.58
N ALA A 923 -2.63 -16.55 29.03
CA ALA A 923 -4.07 -16.55 29.34
C ALA A 923 -4.30 -17.23 30.70
N GLU A 924 -3.55 -18.31 30.98
CA GLU A 924 -3.79 -19.20 32.15
C GLU A 924 -3.05 -18.64 33.36
N ASN A 925 -3.39 -19.15 34.55
CA ASN A 925 -2.79 -18.73 35.84
C ASN A 925 -1.31 -19.12 35.85
N GLU A 926 -0.98 -20.27 35.30
CA GLU A 926 0.39 -20.81 35.35
C GLU A 926 0.81 -21.33 33.97
N TRP A 927 2.12 -21.27 33.68
CA TRP A 927 2.77 -21.64 32.39
C TRP A 927 3.97 -22.53 32.72
N ILE A 928 3.77 -23.85 32.72
CA ILE A 928 4.83 -24.86 32.96
C ILE A 928 5.67 -25.00 31.69
N GLY A 929 6.99 -25.08 31.83
CA GLY A 929 7.93 -25.27 30.70
C GLY A 929 8.39 -23.94 30.10
N ALA A 930 7.87 -22.83 30.62
CA ALA A 930 8.10 -21.46 30.10
C ALA A 930 9.60 -21.24 29.96
N GLN A 931 10.03 -20.77 28.79
CA GLN A 931 11.42 -20.35 28.56
C GLN A 931 11.40 -18.82 28.41
N GLY A 932 12.56 -18.19 28.51
CA GLY A 932 12.69 -16.73 28.68
C GLY A 932 12.97 -16.01 27.37
N GLN A 933 13.47 -16.73 26.36
CA GLN A 933 13.99 -16.13 25.11
C GLN A 933 13.90 -17.12 23.96
N PHE A 934 13.60 -16.62 22.76
CA PHE A 934 13.77 -17.33 21.48
C PHE A 934 14.55 -16.43 20.53
N GLY A 935 15.53 -17.00 19.81
CA GLY A 935 16.26 -16.35 18.72
C GLY A 935 17.46 -15.58 19.23
N GLY A 936 17.89 -15.86 20.47
CA GLY A 936 19.12 -15.27 21.03
C GLY A 936 20.32 -15.47 20.13
N ASP A 937 20.32 -16.52 19.32
CA ASP A 937 21.43 -16.92 18.41
C ASP A 937 21.21 -16.37 16.99
N HIS A 938 20.10 -15.67 16.71
CA HIS A 938 19.78 -15.10 15.37
C HIS A 938 20.71 -13.94 15.08
N PRO A 939 21.30 -13.89 13.86
CA PRO A 939 22.15 -12.78 13.45
C PRO A 939 21.46 -11.42 13.51
N SER A 940 22.10 -10.41 14.08
CA SER A 940 21.61 -9.02 14.12
C SER A 940 22.11 -8.27 12.87
N ALA A 941 21.28 -8.19 11.84
CA ALA A 941 21.69 -7.73 10.50
C ALA A 941 21.79 -6.21 10.52
N ARG A 942 22.63 -5.68 9.63
CA ARG A 942 22.77 -4.21 9.36
C ARG A 942 21.38 -3.58 9.29
N GLU A 943 21.29 -2.34 9.76
CA GLU A 943 20.02 -1.65 10.07
C GLU A 943 19.18 -1.40 8.81
N ASP A 944 19.81 -1.46 7.63
CA ASP A 944 19.19 -1.09 6.34
C ASP A 944 18.64 -2.35 5.69
N LEU A 945 18.80 -3.51 6.36
CA LEU A 945 18.31 -4.81 5.87
C LEU A 945 17.04 -5.23 6.63
N ASP A 946 16.06 -5.75 5.90
CA ASP A 946 14.83 -6.29 6.49
C ASP A 946 14.58 -7.67 5.88
N VAL A 947 14.08 -8.59 6.70
CA VAL A 947 13.40 -9.82 6.22
C VAL A 947 11.93 -9.44 6.14
N SER A 948 11.53 -8.85 5.02
CA SER A 948 10.15 -8.42 4.70
C SER A 948 9.17 -9.58 4.84
N VAL A 949 9.55 -10.75 4.34
CA VAL A 949 8.72 -11.98 4.33
C VAL A 949 9.57 -13.17 4.83
N MET A 950 9.02 -13.92 5.77
CA MET A 950 9.43 -15.32 6.03
C MET A 950 8.16 -16.16 5.98
N ARG A 951 8.12 -17.14 5.07
CA ARG A 951 6.89 -17.93 4.82
C ARG A 951 7.30 -19.38 4.54
N ARG A 952 6.75 -20.31 5.31
CA ARG A 952 6.96 -21.74 5.00
C ARG A 952 6.07 -22.07 3.79
N LEU A 953 6.66 -22.67 2.76
CA LEU A 953 6.00 -22.92 1.43
C LEU A 953 5.38 -24.32 1.37
N THR A 954 5.75 -25.22 2.28
CA THR A 954 5.32 -26.65 2.31
C THR A 954 4.51 -26.98 3.56
N LYS A 955 3.47 -27.79 3.40
CA LYS A 955 2.68 -28.42 4.49
C LYS A 955 3.50 -29.58 5.10
N SER A 956 2.98 -30.19 6.18
CA SER A 956 3.75 -31.21 6.93
C SER A 956 3.98 -32.45 6.06
N SER A 957 3.06 -32.77 5.14
CA SER A 957 3.07 -34.05 4.38
C SER A 957 4.19 -34.09 3.32
N ALA A 958 4.95 -33.00 3.14
CA ALA A 958 6.08 -32.94 2.17
C ALA A 958 7.35 -33.41 2.87
N LYS A 959 8.21 -34.13 2.15
CA LYS A 959 9.43 -34.75 2.73
C LYS A 959 10.61 -33.79 2.62
N THR A 960 10.60 -32.88 1.63
CA THR A 960 11.49 -31.68 1.62
C THR A 960 10.66 -30.45 2.00
N GLN A 961 10.94 -29.88 3.18
CA GLN A 961 10.32 -28.64 3.68
C GLN A 961 11.01 -27.46 2.99
N ARG A 962 10.25 -26.40 2.69
CA ARG A 962 10.77 -25.25 1.94
C ARG A 962 10.29 -23.97 2.61
N VAL A 963 11.19 -23.00 2.78
CA VAL A 963 10.85 -21.68 3.40
C VAL A 963 11.35 -20.59 2.47
N GLY A 964 10.42 -19.69 2.14
CA GLY A 964 10.68 -18.48 1.37
C GLY A 964 11.00 -17.30 2.26
N TYR A 965 11.99 -16.51 1.84
CA TYR A 965 12.44 -15.23 2.46
C TYR A 965 12.46 -14.15 1.38
N VAL A 966 11.82 -13.01 1.64
CA VAL A 966 12.06 -11.75 0.91
C VAL A 966 12.93 -10.83 1.77
N LEU A 967 14.06 -10.44 1.24
CA LEU A 967 15.00 -9.50 1.87
C LEU A 967 14.91 -8.21 1.08
N HIS A 968 14.73 -7.12 1.79
CA HIS A 968 14.78 -5.75 1.22
C HIS A 968 15.91 -5.00 1.91
N ARG A 969 16.79 -4.41 1.14
CA ARG A 969 17.78 -3.46 1.67
C ARG A 969 17.43 -2.09 1.15
N THR A 970 17.14 -1.17 2.07
CA THR A 970 16.83 0.23 1.77
C THR A 970 18.18 0.92 1.54
N ASN A 971 18.15 2.21 1.31
CA ASN A 971 19.38 3.03 1.28
C ASN A 971 19.20 4.16 2.29
N LEU A 972 20.14 4.27 3.22
CA LEU A 972 20.11 5.31 4.26
C LEU A 972 21.23 6.31 3.97
N MET A 973 20.97 7.58 4.25
CA MET A 973 22.00 8.65 4.17
C MET A 973 23.12 8.34 5.17
N GLN A 974 24.37 8.35 4.69
CA GLN A 974 25.62 8.32 5.49
C GLN A 974 25.79 9.69 6.13
N CYS A 975 25.73 9.76 7.45
CA CYS A 975 25.87 11.02 8.22
C CYS A 975 27.06 10.89 9.19
N GLY A 976 27.83 9.79 9.11
CA GLY A 976 29.10 9.57 9.82
C GLY A 976 28.93 8.81 11.13
N THR A 977 28.31 7.62 11.12
CA THR A 977 28.22 6.68 12.27
C THR A 977 28.04 5.24 11.74
N THR A 982 27.30 -5.59 14.00
CA THR A 982 26.31 -6.34 13.17
C THR A 982 26.93 -7.60 12.57
N GLN A 983 26.14 -8.65 12.42
CA GLN A 983 26.53 -9.98 11.87
C GLN A 983 25.86 -10.21 10.52
N LYS A 984 26.49 -10.99 9.65
CA LYS A 984 25.95 -11.35 8.31
C LYS A 984 24.71 -12.21 8.50
N LEU A 985 23.64 -11.91 7.76
CA LEU A 985 22.42 -12.74 7.81
C LEU A 985 22.39 -13.61 6.56
N ASP A 986 22.37 -14.93 6.75
CA ASP A 986 22.19 -15.93 5.65
C ASP A 986 20.92 -16.72 5.96
N VAL A 987 19.83 -16.40 5.26
CA VAL A 987 18.47 -16.93 5.57
C VAL A 987 18.46 -18.41 5.20
N CYS A 988 19.35 -18.82 4.28
CA CYS A 988 19.48 -20.22 3.82
C CYS A 988 19.74 -21.10 5.04
N HIS A 989 20.45 -20.57 6.05
CA HIS A 989 20.95 -21.29 7.26
C HIS A 989 20.18 -20.92 8.54
N LEU A 990 19.07 -20.17 8.46
CA LEU A 990 18.24 -19.84 9.64
C LEU A 990 17.55 -21.09 10.19
N LEU A 991 17.02 -21.96 9.33
CA LEU A 991 16.44 -23.27 9.74
C LEU A 991 17.50 -24.35 9.54
N PRO A 992 17.47 -25.44 10.35
CA PRO A 992 18.55 -26.42 10.35
C PRO A 992 18.39 -27.37 9.16
N ASN A 993 19.44 -28.13 8.81
CA ASN A 993 19.37 -29.24 7.84
C ASN A 993 19.01 -28.72 6.45
N VAL A 994 19.54 -27.53 6.09
CA VAL A 994 19.43 -26.97 4.71
C VAL A 994 20.08 -27.98 3.74
N ALA A 995 19.30 -28.51 2.78
CA ALA A 995 19.72 -29.40 1.68
C ALA A 995 19.97 -28.60 0.39
N ARG A 996 19.28 -27.48 0.16
CA ARG A 996 19.66 -26.50 -0.91
C ARG A 996 19.00 -25.14 -0.71
N CYS A 997 19.50 -24.16 -1.46
CA CYS A 997 19.05 -22.76 -1.44
C CYS A 997 19.12 -22.12 -2.83
N GLU A 998 18.02 -21.50 -3.27
CA GLU A 998 17.84 -20.91 -4.62
C GLU A 998 17.51 -19.42 -4.44
N ARG A 999 18.17 -18.51 -5.16
CA ARG A 999 17.61 -17.13 -5.36
C ARG A 999 16.39 -17.28 -6.28
N THR A 1000 15.24 -16.72 -5.90
CA THR A 1000 13.99 -16.86 -6.67
C THR A 1000 13.44 -15.49 -7.06
N THR A 1001 12.44 -15.52 -7.94
CA THR A 1001 11.47 -14.41 -8.14
C THR A 1001 10.79 -14.11 -6.78
N LEU A 1002 10.32 -12.88 -6.59
CA LEU A 1002 9.79 -12.39 -5.29
C LEU A 1002 8.55 -13.18 -4.92
N THR A 1003 7.91 -13.84 -5.90
CA THR A 1003 6.70 -14.67 -5.74
C THR A 1003 7.09 -16.08 -5.26
N PHE A 1004 8.39 -16.39 -5.29
CA PHE A 1004 9.01 -17.71 -4.95
C PHE A 1004 8.76 -18.74 -6.07
N LEU A 1005 8.30 -18.34 -7.27
CA LEU A 1005 7.67 -19.35 -8.17
C LEU A 1005 8.71 -19.84 -9.18
N GLN A 1006 9.84 -19.18 -9.30
CA GLN A 1006 10.87 -19.56 -10.30
C GLN A 1006 12.25 -19.39 -9.69
N ASN A 1007 13.12 -20.38 -9.91
CA ASN A 1007 14.54 -20.35 -9.50
C ASN A 1007 15.28 -19.46 -10.47
N LEU A 1008 16.12 -18.56 -9.97
CA LEU A 1008 16.90 -17.63 -10.82
C LEU A 1008 18.39 -17.98 -10.71
N GLU A 1009 18.82 -18.49 -9.56
CA GLU A 1009 20.26 -18.80 -9.29
C GLU A 1009 20.34 -19.90 -8.22
N HIS A 1010 20.86 -21.06 -8.60
CA HIS A 1010 21.27 -22.17 -7.69
C HIS A 1010 22.52 -21.72 -6.93
N LEU A 1011 22.49 -21.75 -5.61
CA LEU A 1011 23.64 -21.37 -4.74
C LEU A 1011 24.30 -22.67 -4.30
N ASP A 1012 25.26 -23.19 -5.08
CA ASP A 1012 26.17 -24.29 -4.64
C ASP A 1012 27.17 -23.63 -3.69
N GLY A 1013 27.00 -23.89 -2.39
CA GLY A 1013 27.41 -23.01 -1.29
C GLY A 1013 26.29 -22.86 -0.27
N MET A 1014 25.03 -22.97 -0.71
CA MET A 1014 23.79 -22.83 0.10
C MET A 1014 23.86 -21.61 1.03
N VAL A 1015 24.69 -20.61 0.69
CA VAL A 1015 24.76 -19.26 1.34
C VAL A 1015 24.02 -18.27 0.42
N ALA A 1016 23.14 -17.41 0.97
CA ALA A 1016 22.51 -16.27 0.26
C ALA A 1016 23.50 -15.12 0.24
N PRO A 1017 23.91 -14.60 -0.95
CA PRO A 1017 24.76 -13.42 -1.03
C PRO A 1017 23.94 -12.22 -0.52
N GLU A 1018 24.57 -11.20 0.07
CA GLU A 1018 23.80 -10.07 0.65
C GLU A 1018 23.42 -9.16 -0.53
N VAL A 1019 22.42 -8.31 -0.31
CA VAL A 1019 21.70 -7.59 -1.39
C VAL A 1019 22.11 -6.11 -1.36
N CYS A 1020 22.13 -5.48 -2.52
CA CYS A 1020 22.60 -4.08 -2.75
C CYS A 1020 21.57 -3.11 -2.18
N PRO A 1021 21.99 -1.87 -1.89
CA PRO A 1021 21.07 -0.81 -1.49
C PRO A 1021 19.96 -0.63 -2.54
N MET A 1022 18.72 -0.56 -2.06
CA MET A 1022 17.46 -0.38 -2.84
C MET A 1022 17.17 -1.62 -3.69
N GLU A 1023 17.72 -2.76 -3.31
CA GLU A 1023 17.42 -4.04 -3.98
C GLU A 1023 16.53 -4.89 -3.07
N THR A 1024 15.73 -5.76 -3.68
CA THR A 1024 14.90 -6.78 -2.99
C THR A 1024 15.18 -8.11 -3.68
N ALA A 1025 15.50 -9.14 -2.91
CA ALA A 1025 15.80 -10.48 -3.44
C ALA A 1025 14.96 -11.46 -2.64
N ALA A 1026 14.58 -12.57 -3.28
CA ALA A 1026 13.89 -13.69 -2.62
C ALA A 1026 14.79 -14.92 -2.66
N TYR A 1027 14.70 -15.73 -1.63
CA TYR A 1027 15.45 -17.00 -1.46
C TYR A 1027 14.47 -18.05 -0.95
N VAL A 1028 14.59 -19.26 -1.49
CA VAL A 1028 13.89 -20.43 -0.95
C VAL A 1028 14.94 -21.45 -0.48
N SER A 1029 14.92 -21.75 0.83
CA SER A 1029 15.76 -22.77 1.51
C SER A 1029 14.97 -24.08 1.59
N SER A 1030 15.61 -25.20 1.20
CA SER A 1030 15.07 -26.58 1.27
C SER A 1030 15.74 -27.33 2.44
N HIS A 1031 14.98 -28.16 3.18
CA HIS A 1031 15.42 -28.88 4.41
C HIS A 1031 14.98 -30.35 4.35
N SER A 1032 15.82 -31.27 4.86
CA SER A 1032 15.76 -32.74 4.57
C SER A 1032 14.84 -33.49 5.55
#